data_2YYT
#
_entry.id   2YYT
#
_cell.length_a   47.213
_cell.length_b   58.860
_cell.length_c   88.135
_cell.angle_alpha   100.74
_cell.angle_beta   96.56
_cell.angle_gamma   107.44
#
_symmetry.space_group_name_H-M   'P 1'
#
loop_
_entity.id
_entity.type
_entity.pdbx_description
1 polymer "Orotidine 5'-phosphate decarboxylase"
2 water water
#
_entity_poly.entity_id   1
_entity_poly.type   'polypeptide(L)'
_entity_poly.pdbx_seq_one_letter_code
;GHMHTPFIVALDFPSKQEVERFLRPFAGTPLFVKVGMELYYQEGPAIVAFLKEQGHAVFLDLKLHDIPNTVKQAMKGLAR
VGADLVNVHAAGGRRMMEAAIEGLDAGTPSGRMRPRCIAVTQLTSTDERMLHEELWISRPLVETVAHYAALAKESGLDGV
VCSANEAAFIKERCGASFLAVTPGIRFADDAAHDQVRVVTPRKARALGSDYIVIGRSLTRAADPLRTYARLQHEWNGGER
ESTTPT
;
_entity_poly.pdbx_strand_id   A,B,C,D
#
# COMPACT_ATOMS: atom_id res chain seq x y z
N PRO A 6 33.39 19.15 0.73
CA PRO A 6 32.36 18.87 1.76
C PRO A 6 30.98 19.23 1.21
N PHE A 7 30.96 20.21 0.32
CA PHE A 7 29.71 20.64 -0.26
C PHE A 7 29.49 20.22 -1.70
N ILE A 8 28.30 19.71 -1.97
CA ILE A 8 27.91 19.28 -3.31
C ILE A 8 26.62 20.04 -3.66
N VAL A 9 26.74 21.02 -4.56
CA VAL A 9 25.60 21.84 -4.96
C VAL A 9 24.69 21.19 -5.99
N ALA A 10 23.46 20.86 -5.59
CA ALA A 10 22.51 20.25 -6.52
C ALA A 10 22.00 21.29 -7.51
N LEU A 11 22.36 21.14 -8.79
CA LEU A 11 21.95 22.10 -9.81
C LEU A 11 20.54 21.79 -10.30
N ASP A 12 19.58 21.77 -9.38
CA ASP A 12 18.19 21.48 -9.74
C ASP A 12 17.50 22.65 -10.47
N PHE A 13 17.91 22.87 -11.73
CA PHE A 13 17.34 23.91 -12.59
C PHE A 13 16.66 23.26 -13.80
N PRO A 14 15.56 23.83 -14.30
CA PRO A 14 14.87 23.24 -15.45
C PRO A 14 15.54 23.38 -16.82
N SER A 15 16.53 24.26 -16.94
CA SER A 15 17.19 24.45 -18.24
C SER A 15 18.67 24.80 -18.13
N LYS A 16 19.41 24.52 -19.19
CA LYS A 16 20.84 24.79 -19.23
C LYS A 16 21.12 26.29 -19.05
N GLN A 17 20.26 27.15 -19.58
CA GLN A 17 20.47 28.59 -19.44
C GLN A 17 20.43 28.94 -17.97
N GLU A 18 19.37 28.53 -17.30
CA GLU A 18 19.21 28.80 -15.88
C GLU A 18 20.40 28.27 -15.09
N VAL A 19 20.96 27.15 -15.52
CA VAL A 19 22.12 26.58 -14.85
C VAL A 19 23.32 27.50 -15.04
N GLU A 20 23.54 27.91 -16.28
CA GLU A 20 24.66 28.78 -16.60
C GLU A 20 24.52 30.13 -15.90
N ARG A 21 23.29 30.56 -15.69
CA ARG A 21 23.03 31.83 -15.04
C ARG A 21 23.47 31.80 -13.57
N PHE A 22 23.07 30.75 -12.86
CA PHE A 22 23.43 30.57 -11.46
C PHE A 22 24.94 30.46 -11.24
N LEU A 23 25.63 29.72 -12.12
CA LEU A 23 27.07 29.49 -12.00
C LEU A 23 27.98 30.67 -12.38
N ARG A 24 27.41 31.68 -13.03
CA ARG A 24 28.19 32.84 -13.44
C ARG A 24 29.14 33.36 -12.36
N PRO A 25 28.62 33.74 -11.18
CA PRO A 25 29.51 34.25 -10.13
C PRO A 25 30.55 33.26 -9.61
N PHE A 26 30.35 31.98 -9.89
CA PHE A 26 31.30 30.95 -9.45
C PHE A 26 32.31 30.66 -10.53
N ALA A 27 32.29 31.49 -11.57
CA ALA A 27 33.23 31.35 -12.67
C ALA A 27 34.66 31.38 -12.11
N GLY A 28 34.83 31.99 -10.94
CA GLY A 28 36.15 32.06 -10.32
C GLY A 28 36.26 31.22 -9.05
N THR A 29 35.14 30.62 -8.65
CA THR A 29 35.07 29.79 -7.45
C THR A 29 34.59 28.37 -7.80
N PRO A 30 35.53 27.44 -7.99
CA PRO A 30 35.20 26.06 -8.33
C PRO A 30 34.26 25.42 -7.32
N LEU A 31 33.33 24.61 -7.82
CA LEU A 31 32.35 23.92 -6.97
C LEU A 31 32.23 22.44 -7.33
N PHE A 32 31.63 21.67 -6.42
CA PHE A 32 31.38 20.25 -6.64
C PHE A 32 29.88 20.29 -6.90
N VAL A 33 29.46 20.03 -8.13
CA VAL A 33 28.04 20.11 -8.44
C VAL A 33 27.39 18.78 -8.82
N LYS A 34 26.09 18.70 -8.57
CA LYS A 34 25.31 17.51 -8.86
C LYS A 34 24.39 17.73 -10.04
N VAL A 35 24.39 16.78 -10.97
CA VAL A 35 23.52 16.84 -12.12
C VAL A 35 22.53 15.70 -11.97
N GLY A 36 21.26 16.03 -11.78
CA GLY A 36 20.24 15.00 -11.62
C GLY A 36 19.77 14.46 -12.95
N MET A 37 18.93 13.42 -12.91
CA MET A 37 18.44 12.83 -14.15
C MET A 37 17.49 13.73 -14.95
N GLU A 38 16.83 14.68 -14.29
CA GLU A 38 15.91 15.56 -15.01
C GLU A 38 16.70 16.48 -15.94
N LEU A 39 17.81 17.01 -15.42
CA LEU A 39 18.67 17.89 -16.20
C LEU A 39 19.50 17.09 -17.21
N TYR A 40 20.13 16.01 -16.76
CA TYR A 40 20.95 15.23 -17.66
C TYR A 40 20.18 14.61 -18.81
N TYR A 41 18.92 14.24 -18.58
CA TYR A 41 18.13 13.64 -19.65
C TYR A 41 17.64 14.66 -20.69
N GLN A 42 17.80 15.94 -20.40
CA GLN A 42 17.38 16.98 -21.34
C GLN A 42 18.57 17.71 -21.95
N GLU A 43 19.74 17.62 -21.30
CA GLU A 43 20.92 18.28 -21.81
C GLU A 43 21.97 17.30 -22.33
N GLY A 44 21.87 16.03 -21.94
CA GLY A 44 22.84 15.05 -22.40
C GLY A 44 24.25 15.34 -21.90
N PRO A 45 25.25 14.61 -22.39
CA PRO A 45 26.65 14.81 -21.96
C PRO A 45 27.24 16.22 -22.15
N ALA A 46 26.57 17.06 -22.93
CA ALA A 46 27.06 18.42 -23.16
C ALA A 46 27.09 19.26 -21.88
N ILE A 47 26.07 19.09 -21.03
CA ILE A 47 25.99 19.86 -19.79
C ILE A 47 27.20 19.58 -18.89
N VAL A 48 27.69 18.35 -18.93
CA VAL A 48 28.85 18.00 -18.10
C VAL A 48 30.08 18.70 -18.67
N ALA A 49 30.20 18.69 -19.99
CA ALA A 49 31.34 19.34 -20.64
C ALA A 49 31.36 20.80 -20.20
N PHE A 50 30.19 21.44 -20.26
CA PHE A 50 30.08 22.84 -19.85
C PHE A 50 30.60 23.01 -18.42
N LEU A 51 30.02 22.23 -17.51
CA LEU A 51 30.42 22.28 -16.10
C LEU A 51 31.90 22.04 -15.96
N LYS A 52 32.42 21.09 -16.72
CA LYS A 52 33.84 20.76 -16.68
C LYS A 52 34.67 21.93 -17.19
N GLU A 53 34.19 22.57 -18.26
CA GLU A 53 34.92 23.72 -18.81
C GLU A 53 35.00 24.81 -17.76
N GLN A 54 33.90 25.03 -17.05
CA GLN A 54 33.81 26.04 -16.00
C GLN A 54 34.76 25.71 -14.86
N GLY A 55 35.21 24.46 -14.81
CA GLY A 55 36.15 24.07 -13.78
C GLY A 55 35.51 23.47 -12.54
N HIS A 56 34.27 23.03 -12.67
CA HIS A 56 33.59 22.44 -11.52
C HIS A 56 33.75 20.92 -11.60
N ALA A 57 33.66 20.25 -10.45
CA ALA A 57 33.72 18.78 -10.40
C ALA A 57 32.26 18.38 -10.58
N VAL A 58 31.99 17.22 -11.16
CA VAL A 58 30.61 16.81 -11.40
C VAL A 58 30.14 15.48 -10.82
N PHE A 59 29.01 15.51 -10.11
CA PHE A 59 28.42 14.31 -9.57
C PHE A 59 27.23 14.02 -10.47
N LEU A 60 27.33 12.98 -11.28
CA LEU A 60 26.24 12.59 -12.16
C LEU A 60 25.38 11.65 -11.32
N ASP A 61 24.25 12.17 -10.85
CA ASP A 61 23.34 11.40 -10.02
C ASP A 61 22.20 10.82 -10.88
N LEU A 62 22.47 9.66 -11.50
CA LEU A 62 21.51 8.99 -12.37
C LEU A 62 21.00 7.66 -11.76
N LYS A 63 21.56 7.26 -10.63
CA LYS A 63 21.16 6.03 -9.94
C LYS A 63 20.96 4.84 -10.89
N LEU A 64 22.01 4.45 -11.60
CA LEU A 64 21.93 3.34 -12.54
C LEU A 64 21.54 2.06 -11.82
N HIS A 65 20.60 1.33 -12.43
CA HIS A 65 20.09 0.08 -11.88
C HIS A 65 19.70 -0.77 -13.09
N ASP A 66 20.59 -1.66 -13.51
CA ASP A 66 20.31 -2.48 -14.67
C ASP A 66 21.17 -3.73 -14.60
N ILE A 67 21.09 -4.60 -15.60
CA ILE A 67 21.93 -5.79 -15.56
C ILE A 67 23.41 -5.37 -15.54
N PRO A 68 24.28 -6.21 -14.92
CA PRO A 68 25.72 -5.94 -14.80
C PRO A 68 26.43 -5.37 -16.02
N ASN A 69 26.37 -6.08 -17.14
CA ASN A 69 27.05 -5.62 -18.34
C ASN A 69 26.59 -4.24 -18.80
N THR A 70 25.30 -3.95 -18.70
CA THR A 70 24.78 -2.66 -19.12
C THR A 70 25.29 -1.50 -18.25
N VAL A 71 25.35 -1.71 -16.94
CA VAL A 71 25.83 -0.68 -16.03
C VAL A 71 27.33 -0.48 -16.29
N LYS A 72 28.03 -1.57 -16.55
CA LYS A 72 29.47 -1.50 -16.81
C LYS A 72 29.78 -0.65 -18.06
N GLN A 73 29.10 -0.93 -19.16
CA GLN A 73 29.31 -0.17 -20.38
C GLN A 73 28.88 1.27 -20.19
N ALA A 74 27.84 1.47 -19.39
CA ALA A 74 27.33 2.82 -19.15
C ALA A 74 28.30 3.61 -18.27
N MET A 75 28.93 2.94 -17.31
CA MET A 75 29.88 3.60 -16.42
C MET A 75 31.16 3.94 -17.18
N LYS A 76 31.59 3.06 -18.08
CA LYS A 76 32.77 3.34 -18.86
C LYS A 76 32.50 4.63 -19.63
N GLY A 77 31.27 4.76 -20.10
CA GLY A 77 30.88 5.95 -20.84
C GLY A 77 30.76 7.19 -19.98
N LEU A 78 30.23 7.05 -18.77
CA LEU A 78 30.08 8.21 -17.90
C LEU A 78 31.45 8.69 -17.44
N ALA A 79 32.43 7.80 -17.46
CA ALA A 79 33.78 8.17 -17.06
C ALA A 79 34.35 8.99 -18.22
N ARG A 80 34.06 8.55 -19.44
CA ARG A 80 34.54 9.24 -20.61
C ARG A 80 33.89 10.61 -20.70
N VAL A 81 32.67 10.71 -20.16
CA VAL A 81 31.94 11.97 -20.18
C VAL A 81 32.57 12.99 -19.21
N GLY A 82 33.34 12.51 -18.25
CA GLY A 82 34.00 13.42 -17.32
C GLY A 82 33.35 13.52 -15.95
N ALA A 83 32.64 12.48 -15.54
CA ALA A 83 31.99 12.48 -14.22
C ALA A 83 33.04 12.19 -13.16
N ASP A 84 32.99 12.92 -12.05
CA ASP A 84 33.93 12.73 -10.95
C ASP A 84 33.34 11.85 -9.86
N LEU A 85 32.02 11.71 -9.88
CA LEU A 85 31.30 10.89 -8.92
C LEU A 85 29.99 10.46 -9.58
N VAL A 86 29.70 9.17 -9.51
CA VAL A 86 28.50 8.57 -10.04
C VAL A 86 27.92 7.70 -8.94
N ASN A 87 26.69 7.22 -9.12
CA ASN A 87 26.07 6.37 -8.12
C ASN A 87 25.23 5.27 -8.76
N VAL A 88 24.82 4.31 -7.94
CA VAL A 88 24.01 3.18 -8.39
C VAL A 88 23.10 2.75 -7.23
N HIS A 89 22.13 1.88 -7.51
CA HIS A 89 21.23 1.35 -6.48
C HIS A 89 21.86 0.07 -5.94
N ALA A 90 21.97 -0.05 -4.63
CA ALA A 90 22.55 -1.27 -4.08
C ALA A 90 21.61 -2.42 -4.45
N ALA A 91 20.35 -2.07 -4.70
CA ALA A 91 19.35 -3.08 -5.07
C ALA A 91 19.75 -3.85 -6.33
N GLY A 92 20.72 -3.32 -7.07
CA GLY A 92 21.18 -3.98 -8.28
C GLY A 92 22.01 -5.23 -8.01
N GLY A 93 22.52 -5.40 -6.79
CA GLY A 93 23.31 -6.58 -6.50
C GLY A 93 24.82 -6.35 -6.53
N ARG A 94 25.58 -7.21 -5.84
CA ARG A 94 27.02 -7.08 -5.79
C ARG A 94 27.67 -7.16 -7.18
N ARG A 95 27.19 -8.08 -8.00
CA ARG A 95 27.73 -8.25 -9.33
C ARG A 95 27.61 -6.97 -10.15
N MET A 96 26.43 -6.36 -10.13
CA MET A 96 26.21 -5.14 -10.90
C MET A 96 27.11 -4.02 -10.38
N MET A 97 27.24 -3.93 -9.06
CA MET A 97 28.08 -2.91 -8.43
C MET A 97 29.58 -3.13 -8.75
N GLU A 98 30.02 -4.38 -8.77
CA GLU A 98 31.41 -4.69 -9.08
C GLU A 98 31.65 -4.35 -10.55
N ALA A 99 30.64 -4.60 -11.38
CA ALA A 99 30.72 -4.33 -12.80
C ALA A 99 30.82 -2.83 -13.04
N ALA A 100 30.16 -2.04 -12.20
CA ALA A 100 30.21 -0.59 -12.33
C ALA A 100 31.65 -0.09 -12.12
N ILE A 101 32.33 -0.68 -11.14
CA ILE A 101 33.71 -0.29 -10.86
C ILE A 101 34.62 -0.64 -12.04
N GLU A 102 34.36 -1.76 -12.70
CA GLU A 102 35.16 -2.18 -13.85
C GLU A 102 34.99 -1.15 -14.97
N GLY A 103 33.73 -0.86 -15.31
CA GLY A 103 33.45 0.11 -16.35
C GLY A 103 34.15 1.43 -16.09
N LEU A 104 34.12 1.86 -14.83
CA LEU A 104 34.76 3.12 -14.45
C LEU A 104 36.28 3.04 -14.69
N ASP A 105 36.88 1.91 -14.34
CA ASP A 105 38.32 1.76 -14.57
C ASP A 105 38.62 1.69 -16.06
N ALA A 106 37.80 0.95 -16.80
CA ALA A 106 37.99 0.80 -18.23
C ALA A 106 37.85 2.13 -18.99
N GLY A 107 37.12 3.07 -18.40
CA GLY A 107 36.93 4.37 -19.05
C GLY A 107 37.82 5.44 -18.45
N THR A 108 38.77 5.03 -17.62
CA THR A 108 39.68 5.97 -16.97
C THR A 108 41.11 5.72 -17.44
N PRO A 109 41.78 6.75 -17.95
CA PRO A 109 43.16 6.59 -18.42
C PRO A 109 44.06 6.04 -17.32
N SER A 110 45.06 5.26 -17.72
CA SER A 110 46.00 4.67 -16.77
C SER A 110 46.80 5.75 -16.05
N GLY A 111 47.02 5.56 -14.75
CA GLY A 111 47.78 6.55 -14.01
C GLY A 111 46.86 7.63 -13.44
N ARG A 112 45.62 7.64 -13.92
CA ARG A 112 44.62 8.60 -13.45
C ARG A 112 43.74 7.88 -12.42
N MET A 113 42.95 8.63 -11.67
CA MET A 113 42.08 8.01 -10.66
C MET A 113 40.65 7.88 -11.20
N ARG A 114 40.07 6.70 -11.05
CA ARG A 114 38.71 6.48 -11.54
C ARG A 114 37.75 7.39 -10.80
N PRO A 115 36.58 7.66 -11.40
CA PRO A 115 35.60 8.52 -10.74
C PRO A 115 34.99 7.74 -9.58
N ARG A 116 34.73 8.41 -8.46
CA ARG A 116 34.13 7.77 -7.29
C ARG A 116 32.76 7.22 -7.60
N CYS A 117 32.38 6.18 -6.87
CA CYS A 117 31.09 5.54 -7.06
C CYS A 117 30.49 5.21 -5.70
N ILE A 118 29.27 5.69 -5.47
CA ILE A 118 28.58 5.44 -4.22
C ILE A 118 27.23 4.84 -4.55
N ALA A 119 26.59 4.21 -3.56
CA ALA A 119 25.31 3.59 -3.81
C ALA A 119 24.12 4.13 -3.03
N VAL A 120 22.94 4.00 -3.65
CA VAL A 120 21.70 4.37 -3.00
C VAL A 120 21.34 3.09 -2.24
N THR A 121 21.03 3.19 -0.96
CA THR A 121 20.65 2.03 -0.17
C THR A 121 19.14 1.96 -0.32
N GLN A 122 18.45 2.86 0.36
CA GLN A 122 17.01 2.96 0.26
C GLN A 122 16.75 4.44 0.05
N LEU A 123 16.07 4.79 -1.02
CA LEU A 123 15.75 6.19 -1.31
C LEU A 123 15.25 6.88 -0.04
N THR A 124 15.63 8.14 0.15
CA THR A 124 15.19 8.88 1.32
C THR A 124 13.67 9.03 1.35
N SER A 125 13.02 8.73 0.24
CA SER A 125 11.57 8.84 0.15
C SER A 125 10.83 7.53 0.44
N THR A 126 11.59 6.48 0.74
CA THR A 126 11.01 5.17 1.04
C THR A 126 10.75 5.04 2.55
N ASP A 127 9.52 4.74 2.93
CA ASP A 127 9.20 4.58 4.36
C ASP A 127 9.04 3.12 4.75
N GLU A 128 8.83 2.89 6.04
CA GLU A 128 8.66 1.55 6.59
C GLU A 128 7.55 0.75 5.93
N ARG A 129 6.41 1.41 5.69
CA ARG A 129 5.25 0.80 5.04
C ARG A 129 5.53 0.36 3.61
N MET A 130 6.29 1.17 2.88
CA MET A 130 6.64 0.86 1.50
C MET A 130 7.56 -0.35 1.44
N LEU A 131 8.59 -0.35 2.29
CA LEU A 131 9.55 -1.45 2.34
C LEU A 131 8.82 -2.76 2.70
N HIS A 132 7.84 -2.67 3.59
CA HIS A 132 7.06 -3.82 4.04
C HIS A 132 6.07 -4.30 2.97
N GLU A 133 5.06 -3.48 2.70
CA GLU A 133 4.00 -3.80 1.74
C GLU A 133 4.38 -3.93 0.27
N GLU A 134 5.11 -2.94 -0.24
CA GLU A 134 5.47 -2.94 -1.65
C GLU A 134 6.71 -3.73 -2.06
N LEU A 135 7.85 -3.47 -1.42
CA LEU A 135 9.07 -4.17 -1.78
C LEU A 135 9.21 -5.64 -1.36
N TRP A 136 8.48 -6.07 -0.34
CA TRP A 136 8.54 -7.46 0.14
C TRP A 136 9.75 -7.72 1.04
N ILE A 137 10.47 -6.67 1.42
CA ILE A 137 11.63 -6.83 2.30
C ILE A 137 11.13 -6.96 3.74
N SER A 138 11.54 -8.02 4.42
CA SER A 138 11.11 -8.32 5.79
C SER A 138 11.90 -7.80 6.99
N ARG A 139 13.04 -7.16 6.76
CA ARG A 139 13.83 -6.66 7.87
C ARG A 139 13.50 -5.18 8.08
N PRO A 140 13.79 -4.64 9.27
CA PRO A 140 13.50 -3.23 9.51
C PRO A 140 14.21 -2.34 8.49
N LEU A 141 13.70 -1.14 8.28
CA LEU A 141 14.30 -0.22 7.33
C LEU A 141 15.77 0.07 7.64
N VAL A 142 16.07 0.34 8.90
CA VAL A 142 17.44 0.65 9.29
C VAL A 142 18.43 -0.48 9.03
N GLU A 143 18.02 -1.71 9.34
CA GLU A 143 18.89 -2.86 9.11
C GLU A 143 19.08 -3.11 7.61
N THR A 144 18.03 -2.89 6.83
CA THR A 144 18.11 -3.09 5.39
C THR A 144 19.09 -2.07 4.80
N VAL A 145 19.07 -0.86 5.34
CA VAL A 145 19.97 0.18 4.89
C VAL A 145 21.44 -0.18 5.17
N ALA A 146 21.73 -0.62 6.39
CA ALA A 146 23.10 -0.99 6.73
C ALA A 146 23.55 -2.17 5.91
N HIS A 147 22.64 -3.11 5.69
CA HIS A 147 22.89 -4.31 4.91
C HIS A 147 23.34 -3.92 3.51
N TYR A 148 22.49 -3.16 2.82
CA TYR A 148 22.75 -2.68 1.47
C TYR A 148 24.07 -1.91 1.43
N ALA A 149 24.33 -1.11 2.46
CA ALA A 149 25.57 -0.36 2.54
C ALA A 149 26.70 -1.37 2.64
N ALA A 150 26.53 -2.40 3.46
CA ALA A 150 27.54 -3.43 3.60
C ALA A 150 27.73 -4.10 2.25
N LEU A 151 26.63 -4.33 1.54
CA LEU A 151 26.67 -4.94 0.23
C LEU A 151 27.55 -4.10 -0.71
N ALA A 152 27.38 -2.78 -0.64
CA ALA A 152 28.15 -1.85 -1.47
C ALA A 152 29.62 -1.85 -1.09
N LYS A 153 29.91 -1.93 0.21
CA LYS A 153 31.29 -1.96 0.69
C LYS A 153 31.97 -3.23 0.18
N GLU A 154 31.23 -4.34 0.21
CA GLU A 154 31.75 -5.63 -0.24
C GLU A 154 32.05 -5.61 -1.73
N SER A 155 31.28 -4.83 -2.47
CA SER A 155 31.43 -4.74 -3.93
C SER A 155 32.58 -3.86 -4.39
N GLY A 156 33.12 -3.04 -3.49
CA GLY A 156 34.22 -2.18 -3.86
C GLY A 156 33.83 -0.73 -4.03
N LEU A 157 32.58 -0.39 -3.75
CA LEU A 157 32.14 0.99 -3.88
C LEU A 157 32.79 1.84 -2.78
N ASP A 158 32.89 3.14 -3.01
CA ASP A 158 33.51 4.05 -2.05
C ASP A 158 32.58 4.61 -0.99
N GLY A 159 31.30 4.32 -1.10
CA GLY A 159 30.37 4.84 -0.11
C GLY A 159 28.90 4.68 -0.47
N VAL A 160 28.07 5.58 0.07
CA VAL A 160 26.63 5.52 -0.15
C VAL A 160 25.98 6.87 0.09
N VAL A 161 24.75 7.01 -0.38
CA VAL A 161 23.96 8.21 -0.13
C VAL A 161 23.14 7.80 1.11
N CYS A 162 23.11 8.64 2.15
CA CYS A 162 22.37 8.29 3.37
C CYS A 162 21.88 9.51 4.16
N SER A 163 21.01 9.26 5.14
CA SER A 163 20.47 10.31 5.99
C SER A 163 21.56 10.76 6.94
N ALA A 164 21.53 12.03 7.32
CA ALA A 164 22.51 12.55 8.24
C ALA A 164 22.58 11.64 9.47
N ASN A 165 21.42 11.33 10.04
CA ASN A 165 21.35 10.49 11.24
C ASN A 165 21.47 9.01 10.92
N GLU A 166 22.04 8.70 9.76
CA GLU A 166 22.19 7.33 9.29
C GLU A 166 23.67 6.97 9.07
N ALA A 167 24.49 7.99 8.91
CA ALA A 167 25.92 7.82 8.65
C ALA A 167 26.72 7.16 9.77
N ALA A 168 26.35 7.44 11.02
CA ALA A 168 27.05 6.86 12.15
C ALA A 168 26.90 5.36 12.13
N PHE A 169 25.67 4.90 11.88
CA PHE A 169 25.36 3.48 11.83
C PHE A 169 26.12 2.85 10.67
N ILE A 170 26.14 3.54 9.53
CA ILE A 170 26.82 3.05 8.33
C ILE A 170 28.33 2.92 8.52
N LYS A 171 29.00 3.99 8.91
CA LYS A 171 30.44 3.97 9.12
C LYS A 171 30.83 2.93 10.18
N GLU A 172 29.99 2.77 11.19
CA GLU A 172 30.24 1.79 12.23
C GLU A 172 30.24 0.39 11.60
N ARG A 173 29.33 0.20 10.67
CA ARG A 173 29.20 -1.09 9.99
C ARG A 173 30.18 -1.27 8.82
N CYS A 174 30.50 -0.19 8.10
CA CYS A 174 31.37 -0.26 6.93
C CYS A 174 32.80 0.26 7.06
N GLY A 175 33.10 1.00 8.12
CA GLY A 175 34.43 1.55 8.29
C GLY A 175 34.33 3.05 8.22
N ALA A 176 35.11 3.76 9.02
CA ALA A 176 35.05 5.22 9.03
C ALA A 176 35.44 5.85 7.68
N SER A 177 36.14 5.08 6.83
CA SER A 177 36.54 5.62 5.55
C SER A 177 35.46 5.50 4.49
N PHE A 178 34.41 4.71 4.75
CA PHE A 178 33.30 4.56 3.80
C PHE A 178 32.57 5.90 3.78
N LEU A 179 32.54 6.56 2.61
CA LEU A 179 31.91 7.87 2.49
C LEU A 179 30.41 7.90 2.77
N ALA A 180 29.98 8.99 3.40
CA ALA A 180 28.56 9.19 3.70
C ALA A 180 28.17 10.51 3.06
N VAL A 181 27.33 10.44 2.04
CA VAL A 181 26.86 11.63 1.33
C VAL A 181 25.41 11.85 1.74
N THR A 182 25.11 13.01 2.30
CA THR A 182 23.75 13.30 2.73
C THR A 182 23.18 14.53 2.06
N VAL A 199 18.20 19.22 8.25
CA VAL A 199 19.51 19.18 8.89
C VAL A 199 20.36 20.39 8.48
N THR A 200 21.19 20.86 9.42
CA THR A 200 22.07 22.01 9.22
C THR A 200 23.47 21.53 8.83
N PRO A 201 24.25 22.38 8.11
CA PRO A 201 25.59 21.93 7.75
C PRO A 201 26.31 21.48 9.00
N ARG A 202 26.30 22.35 10.01
CA ARG A 202 26.95 22.04 11.27
C ARG A 202 26.40 20.73 11.83
N LYS A 203 25.08 20.59 11.78
CA LYS A 203 24.43 19.39 12.29
C LYS A 203 24.85 18.16 11.47
N ALA A 204 24.79 18.28 10.16
CA ALA A 204 25.17 17.18 9.27
C ALA A 204 26.58 16.71 9.56
N ARG A 205 27.44 17.63 9.97
CA ARG A 205 28.83 17.34 10.27
C ARG A 205 28.94 16.53 11.57
N ALA A 206 28.23 16.96 12.60
CA ALA A 206 28.25 16.28 13.89
C ALA A 206 27.70 14.86 13.76
N LEU A 207 26.74 14.67 12.86
CA LEU A 207 26.11 13.37 12.63
C LEU A 207 26.97 12.36 11.85
N GLY A 208 28.20 12.73 11.51
CA GLY A 208 29.08 11.81 10.81
C GLY A 208 29.16 11.84 9.28
N SER A 209 28.58 12.83 8.64
CA SER A 209 28.64 12.85 7.18
C SER A 209 29.91 13.42 6.55
N ASP A 210 30.25 12.92 5.38
CA ASP A 210 31.44 13.39 4.67
C ASP A 210 31.09 14.52 3.72
N TYR A 211 29.95 14.40 3.06
CA TYR A 211 29.50 15.41 2.10
C TYR A 211 28.05 15.78 2.32
N ILE A 212 27.72 17.06 2.15
CA ILE A 212 26.32 17.45 2.27
C ILE A 212 25.87 18.05 0.94
N VAL A 213 24.75 17.56 0.42
CA VAL A 213 24.21 18.07 -0.83
C VAL A 213 23.44 19.34 -0.49
N ILE A 214 23.90 20.48 -0.99
CA ILE A 214 23.23 21.74 -0.71
C ILE A 214 22.19 22.01 -1.79
N GLY A 215 20.99 22.41 -1.36
CA GLY A 215 19.91 22.70 -2.29
C GLY A 215 19.58 24.17 -2.49
N ARG A 216 18.29 24.51 -2.42
CA ARG A 216 17.82 25.88 -2.63
C ARG A 216 18.46 26.92 -1.75
N SER A 217 18.84 26.54 -0.53
CA SER A 217 19.45 27.49 0.38
C SER A 217 20.67 28.16 -0.26
N LEU A 218 21.20 27.56 -1.32
CA LEU A 218 22.35 28.16 -1.99
C LEU A 218 22.03 28.55 -3.42
N THR A 219 21.33 27.66 -4.13
CA THR A 219 21.00 27.92 -5.51
C THR A 219 19.98 29.04 -5.69
N ARG A 220 19.26 29.37 -4.63
CA ARG A 220 18.28 30.45 -4.71
C ARG A 220 18.67 31.62 -3.82
N ALA A 221 19.95 31.70 -3.49
CA ALA A 221 20.46 32.78 -2.66
C ALA A 221 20.80 34.01 -3.51
N ALA A 222 20.42 35.18 -3.02
CA ALA A 222 20.69 36.42 -3.73
C ALA A 222 22.18 36.72 -3.69
N ASP A 223 22.85 36.22 -2.66
CA ASP A 223 24.30 36.39 -2.49
C ASP A 223 24.92 35.01 -2.39
N PRO A 224 25.01 34.28 -3.51
CA PRO A 224 25.58 32.94 -3.53
C PRO A 224 27.03 32.81 -3.04
N LEU A 225 27.88 33.74 -3.45
CA LEU A 225 29.28 33.67 -3.03
C LEU A 225 29.39 33.91 -1.53
N ARG A 226 28.62 34.87 -1.03
CA ARG A 226 28.64 35.17 0.39
C ARG A 226 28.04 33.99 1.13
N THR A 227 26.92 33.49 0.62
CA THR A 227 26.26 32.36 1.22
C THR A 227 27.19 31.14 1.23
N TYR A 228 27.87 30.89 0.11
CA TYR A 228 28.77 29.75 0.05
C TYR A 228 29.81 29.87 1.15
N ALA A 229 30.32 31.09 1.35
CA ALA A 229 31.34 31.31 2.39
C ALA A 229 30.76 31.02 3.78
N ARG A 230 29.48 31.32 3.97
CA ARG A 230 28.82 31.07 5.25
C ARG A 230 28.77 29.58 5.55
N LEU A 231 28.39 28.79 4.56
CA LEU A 231 28.28 27.34 4.70
C LEU A 231 29.62 26.73 5.13
N GLN A 232 30.69 27.14 4.47
CA GLN A 232 32.01 26.65 4.78
C GLN A 232 32.38 27.02 6.21
N HIS A 233 31.95 28.20 6.65
CA HIS A 233 32.25 28.67 7.99
C HIS A 233 31.48 27.88 9.04
N GLU A 234 30.20 27.64 8.78
CA GLU A 234 29.38 26.89 9.73
C GLU A 234 29.85 25.45 9.83
N TRP A 235 30.27 24.90 8.71
CA TRP A 235 30.77 23.53 8.68
C TRP A 235 32.08 23.46 9.44
N ASN A 236 32.95 24.46 9.21
CA ASN A 236 34.25 24.55 9.87
C ASN A 236 34.13 24.79 11.37
N PRO B 6 -3.31 9.12 28.19
CA PRO B 6 -4.21 9.16 29.37
C PRO B 6 -5.65 9.40 28.91
N PHE B 7 -5.82 10.39 28.05
CA PHE B 7 -7.13 10.74 27.53
C PHE B 7 -7.38 10.28 26.10
N ILE B 8 -8.60 9.83 25.84
CA ILE B 8 -8.99 9.38 24.51
C ILE B 8 -10.28 10.13 24.14
N VAL B 9 -10.15 11.12 23.27
CA VAL B 9 -11.27 11.94 22.84
C VAL B 9 -12.18 11.27 21.81
N ALA B 10 -13.41 10.96 22.18
CA ALA B 10 -14.36 10.33 21.25
C ALA B 10 -14.86 11.38 20.26
N LEU B 11 -14.58 11.19 18.98
CA LEU B 11 -15.01 12.14 17.96
C LEU B 11 -16.43 11.85 17.47
N ASP B 12 -17.38 11.89 18.40
CA ASP B 12 -18.78 11.63 18.06
C ASP B 12 -19.43 12.81 17.32
N PHE B 13 -19.04 12.98 16.06
CA PHE B 13 -19.56 14.02 15.17
C PHE B 13 -20.22 13.37 13.94
N PRO B 14 -21.33 13.93 13.45
CA PRO B 14 -22.01 13.36 12.29
C PRO B 14 -21.41 13.62 10.89
N SER B 15 -20.16 14.05 10.83
CA SER B 15 -19.52 14.32 9.53
C SER B 15 -18.06 14.75 9.64
N LYS B 16 -17.32 14.52 8.57
CA LYS B 16 -15.90 14.88 8.54
C LYS B 16 -15.72 16.39 8.75
N GLN B 17 -16.59 17.18 8.14
CA GLN B 17 -16.53 18.64 8.27
C GLN B 17 -16.49 19.03 9.74
N GLU B 18 -17.48 18.56 10.49
CA GLU B 18 -17.59 18.86 11.90
C GLU B 18 -16.39 18.35 12.71
N VAL B 19 -15.81 17.23 12.29
CA VAL B 19 -14.66 16.67 12.98
C VAL B 19 -13.45 17.58 12.78
N GLU B 20 -13.27 18.03 11.53
CA GLU B 20 -12.17 18.90 11.19
C GLU B 20 -12.32 20.28 11.85
N ARG B 21 -13.55 20.70 12.09
CA ARG B 21 -13.80 21.98 12.72
C ARG B 21 -13.37 21.95 14.18
N PHE B 22 -13.71 20.86 14.87
CA PHE B 22 -13.36 20.69 16.27
C PHE B 22 -11.86 20.55 16.51
N LEU B 23 -11.17 19.83 15.61
CA LEU B 23 -9.73 19.60 15.76
C LEU B 23 -8.80 20.77 15.40
N ARG B 24 -9.35 21.81 14.76
CA ARG B 24 -8.53 22.95 14.37
C ARG B 24 -7.59 23.47 15.47
N PRO B 25 -8.13 23.91 16.62
CA PRO B 25 -7.22 24.41 17.66
C PRO B 25 -6.21 23.37 18.17
N PHE B 26 -6.47 22.11 17.88
CA PHE B 26 -5.59 21.03 18.30
C PHE B 26 -4.54 20.74 17.24
N ALA B 27 -4.48 21.60 16.23
CA ALA B 27 -3.51 21.43 15.14
C ALA B 27 -2.10 21.47 15.71
N GLY B 28 -1.91 22.08 16.87
CA GLY B 28 -0.59 22.15 17.48
C GLY B 28 -0.52 21.38 18.78
N THR B 29 -1.59 20.66 19.08
CA THR B 29 -1.71 19.86 20.30
C THR B 29 -2.21 18.46 19.95
N PRO B 30 -1.30 17.51 19.76
CA PRO B 30 -1.66 16.12 19.42
C PRO B 30 -2.59 15.50 20.45
N LEU B 31 -3.52 14.69 19.96
CA LEU B 31 -4.50 14.01 20.80
C LEU B 31 -4.61 12.53 20.44
N PHE B 32 -5.19 11.76 21.36
CA PHE B 32 -5.42 10.33 21.14
C PHE B 32 -6.92 10.37 20.87
N VAL B 33 -7.34 10.09 19.64
CA VAL B 33 -8.76 10.17 19.31
C VAL B 33 -9.41 8.85 18.92
N LYS B 34 -10.71 8.77 19.20
CA LYS B 34 -11.49 7.57 18.89
C LYS B 34 -12.47 7.83 17.76
N VAL B 35 -12.50 6.92 16.80
CA VAL B 35 -13.41 7.02 15.69
C VAL B 35 -14.33 5.82 15.81
N GLY B 36 -15.63 6.09 15.98
CA GLY B 36 -16.60 5.02 16.12
C GLY B 36 -17.12 4.53 14.78
N MET B 37 -17.93 3.47 14.80
CA MET B 37 -18.46 2.91 13.56
C MET B 37 -19.42 3.83 12.79
N GLU B 38 -20.04 4.81 13.44
CA GLU B 38 -20.94 5.70 12.72
C GLU B 38 -20.12 6.60 11.79
N LEU B 39 -19.06 7.18 12.33
CA LEU B 39 -18.18 8.03 11.56
C LEU B 39 -17.35 7.21 10.56
N TYR B 40 -16.77 6.10 11.02
CA TYR B 40 -15.95 5.30 10.13
C TYR B 40 -16.71 4.69 8.96
N TYR B 41 -17.96 4.29 9.18
CA TYR B 41 -18.73 3.70 8.09
C TYR B 41 -19.19 4.72 7.05
N GLN B 42 -19.12 6.01 7.39
CA GLN B 42 -19.52 7.05 6.45
C GLN B 42 -18.34 7.80 5.85
N GLU B 43 -17.16 7.68 6.47
CA GLU B 43 -15.98 8.36 5.94
C GLU B 43 -14.95 7.38 5.39
N GLY B 44 -14.95 6.15 5.91
CA GLY B 44 -13.99 5.17 5.43
C GLY B 44 -12.59 5.46 5.90
N PRO B 45 -11.58 4.73 5.40
CA PRO B 45 -10.19 4.95 5.80
C PRO B 45 -9.64 6.38 5.62
N ALA B 46 -10.27 7.19 4.78
CA ALA B 46 -9.78 8.56 4.58
C ALA B 46 -9.76 9.38 5.87
N ILE B 47 -10.77 9.20 6.72
CA ILE B 47 -10.83 9.94 7.98
C ILE B 47 -9.62 9.68 8.86
N VAL B 48 -9.14 8.43 8.87
CA VAL B 48 -7.97 8.09 9.66
C VAL B 48 -6.75 8.78 9.08
N ALA B 49 -6.66 8.80 7.75
CA ALA B 49 -5.54 9.45 7.09
C ALA B 49 -5.51 10.90 7.57
N PHE B 50 -6.66 11.55 7.51
CA PHE B 50 -6.76 12.94 7.93
C PHE B 50 -6.23 13.10 9.34
N LEU B 51 -6.78 12.30 10.26
CA LEU B 51 -6.39 12.35 11.66
C LEU B 51 -4.90 12.14 11.82
N LYS B 52 -4.36 11.18 11.07
CA LYS B 52 -2.93 10.88 11.14
C LYS B 52 -2.12 12.05 10.60
N GLU B 53 -2.61 12.66 9.54
CA GLU B 53 -1.93 13.82 8.97
C GLU B 53 -1.88 14.92 10.02
N GLN B 54 -3.02 15.13 10.70
CA GLN B 54 -3.10 16.14 11.75
C GLN B 54 -2.13 15.79 12.85
N GLY B 55 -1.73 14.52 12.92
CA GLY B 55 -0.77 14.10 13.92
C GLY B 55 -1.37 13.51 15.17
N HIS B 56 -2.63 13.12 15.12
CA HIS B 56 -3.27 12.55 16.30
C HIS B 56 -3.16 11.03 16.21
N ALA B 57 -3.18 10.36 17.36
CA ALA B 57 -3.14 8.89 17.41
C ALA B 57 -4.59 8.48 17.20
N VAL B 58 -4.84 7.27 16.68
CA VAL B 58 -6.21 6.87 16.42
C VAL B 58 -6.70 5.54 16.99
N PHE B 59 -7.82 5.58 17.70
CA PHE B 59 -8.42 4.38 18.24
C PHE B 59 -9.61 4.10 17.32
N LEU B 60 -9.51 3.04 16.52
CA LEU B 60 -10.61 2.67 15.63
C LEU B 60 -11.51 1.76 16.46
N ASP B 61 -12.63 2.32 16.92
CA ASP B 61 -13.59 1.56 17.74
C ASP B 61 -14.69 0.96 16.86
N LEU B 62 -14.42 -0.21 16.29
CA LEU B 62 -15.38 -0.90 15.42
C LEU B 62 -15.87 -2.23 16.01
N LYS B 63 -15.30 -2.63 17.15
CA LYS B 63 -15.69 -3.85 17.84
C LYS B 63 -15.88 -5.04 16.89
N LEU B 64 -14.80 -5.45 16.20
CA LEU B 64 -14.88 -6.56 15.26
C LEU B 64 -15.30 -7.85 15.95
N HIS B 65 -16.26 -8.55 15.34
CA HIS B 65 -16.79 -9.80 15.87
C HIS B 65 -17.18 -10.67 14.66
N ASP B 66 -16.29 -11.53 14.22
CA ASP B 66 -16.54 -12.37 13.06
C ASP B 66 -15.68 -13.62 13.16
N ILE B 67 -15.71 -14.48 12.14
CA ILE B 67 -14.86 -15.67 12.20
C ILE B 67 -13.38 -15.25 12.24
N PRO B 68 -12.53 -16.07 12.87
CA PRO B 68 -11.09 -15.80 12.99
C PRO B 68 -10.39 -15.23 11.76
N ASN B 69 -10.43 -15.95 10.66
CA ASN B 69 -9.75 -15.48 9.45
C ASN B 69 -10.21 -14.12 8.96
N THR B 70 -11.49 -13.82 9.10
CA THR B 70 -12.00 -12.53 8.65
C THR B 70 -11.50 -11.37 9.51
N VAL B 71 -11.43 -11.59 10.81
CA VAL B 71 -10.95 -10.56 11.73
C VAL B 71 -9.45 -10.36 11.48
N LYS B 72 -8.75 -11.45 11.20
CA LYS B 72 -7.31 -11.38 10.95
C LYS B 72 -7.02 -10.51 9.71
N GLN B 73 -7.72 -10.78 8.61
CA GLN B 73 -7.51 -10.01 7.39
C GLN B 73 -7.96 -8.58 7.59
N ALA B 74 -9.02 -8.39 8.36
CA ALA B 74 -9.55 -7.03 8.60
C ALA B 74 -8.59 -6.24 9.49
N MET B 75 -7.98 -6.92 10.47
CA MET B 75 -7.04 -6.27 11.36
C MET B 75 -5.77 -5.92 10.59
N LYS B 76 -5.34 -6.80 9.70
CA LYS B 76 -4.17 -6.54 8.89
C LYS B 76 -4.47 -5.25 8.13
N GLY B 77 -5.71 -5.13 7.66
CA GLY B 77 -6.13 -3.94 6.94
C GLY B 77 -6.18 -2.70 7.82
N LEU B 78 -6.56 -2.86 9.08
CA LEU B 78 -6.65 -1.70 9.96
C LEU B 78 -5.27 -1.24 10.40
N ALA B 79 -4.30 -2.15 10.38
CA ALA B 79 -2.94 -1.77 10.77
C ALA B 79 -2.46 -0.92 9.62
N ARG B 80 -2.82 -1.34 8.40
CA ARG B 80 -2.44 -0.64 7.20
C ARG B 80 -3.15 0.71 7.11
N VAL B 81 -4.38 0.77 7.61
CA VAL B 81 -5.15 2.02 7.58
C VAL B 81 -4.53 3.06 8.53
N GLY B 82 -3.68 2.61 9.45
CA GLY B 82 -3.03 3.54 10.36
C GLY B 82 -3.60 3.63 11.77
N ALA B 83 -4.35 2.61 12.19
CA ALA B 83 -4.93 2.62 13.54
C ALA B 83 -3.88 2.33 14.59
N ASP B 84 -3.92 3.07 15.70
CA ASP B 84 -2.97 2.86 16.79
C ASP B 84 -3.57 1.98 17.89
N LEU B 85 -4.90 1.88 17.90
CA LEU B 85 -5.61 1.05 18.85
C LEU B 85 -6.89 0.56 18.19
N VAL B 86 -7.13 -0.74 18.30
CA VAL B 86 -8.34 -1.36 17.75
C VAL B 86 -8.93 -2.21 18.87
N ASN B 87 -10.14 -2.71 18.66
CA ASN B 87 -10.79 -3.55 19.65
C ASN B 87 -11.61 -4.66 19.01
N VAL B 88 -12.02 -5.62 19.82
CA VAL B 88 -12.81 -6.77 19.37
C VAL B 88 -13.71 -7.22 20.52
N HIS B 89 -14.68 -8.07 20.22
CA HIS B 89 -15.59 -8.63 21.23
C HIS B 89 -14.95 -9.90 21.79
N ALA B 90 -14.81 -9.99 23.10
CA ALA B 90 -14.22 -11.19 23.66
C ALA B 90 -15.18 -12.35 23.33
N ALA B 91 -16.44 -12.02 23.07
CA ALA B 91 -17.44 -13.02 22.72
C ALA B 91 -17.09 -13.78 21.44
N GLY B 92 -16.16 -13.24 20.67
CA GLY B 92 -15.76 -13.91 19.44
C GLY B 92 -14.91 -15.14 19.73
N GLY B 93 -14.38 -15.26 20.94
CA GLY B 93 -13.56 -16.42 21.27
C GLY B 93 -12.05 -16.21 21.22
N ARG B 94 -11.30 -17.07 21.91
CA ARG B 94 -9.84 -16.97 21.97
C ARG B 94 -9.21 -17.06 20.58
N ARG B 95 -9.72 -17.99 19.76
CA ARG B 95 -9.20 -18.18 18.42
C ARG B 95 -9.29 -16.88 17.61
N MET B 96 -10.47 -16.27 17.61
CA MET B 96 -10.67 -15.03 16.85
C MET B 96 -9.77 -13.93 17.38
N MET B 97 -9.70 -13.80 18.71
CA MET B 97 -8.86 -12.78 19.34
C MET B 97 -7.37 -12.97 19.03
N GLU B 98 -6.91 -14.22 19.02
CA GLU B 98 -5.51 -14.52 18.73
C GLU B 98 -5.24 -14.20 17.26
N ALA B 99 -6.25 -14.47 16.42
CA ALA B 99 -6.15 -14.21 14.99
C ALA B 99 -6.05 -12.72 14.75
N ALA B 100 -6.72 -11.93 15.58
CA ALA B 100 -6.67 -10.49 15.45
C ALA B 100 -5.23 -10.00 15.64
N ILE B 101 -4.55 -10.55 16.64
CA ILE B 101 -3.17 -10.17 16.91
C ILE B 101 -2.27 -10.51 15.70
N GLU B 102 -2.52 -11.67 15.09
CA GLU B 102 -1.74 -12.08 13.93
C GLU B 102 -1.95 -11.07 12.80
N GLY B 103 -3.20 -10.77 12.49
CA GLY B 103 -3.50 -9.81 11.45
C GLY B 103 -2.80 -8.48 11.70
N LEU B 104 -2.86 -8.01 12.94
CA LEU B 104 -2.22 -6.76 13.31
C LEU B 104 -0.71 -6.84 13.09
N ASP B 105 -0.10 -7.96 13.44
CA ASP B 105 1.33 -8.12 13.23
C ASP B 105 1.65 -8.21 11.74
N ALA B 106 0.76 -8.86 10.99
CA ALA B 106 0.94 -9.03 9.56
C ALA B 106 0.94 -7.71 8.80
N GLY B 107 0.16 -6.75 9.29
CA GLY B 107 0.09 -5.45 8.64
C GLY B 107 0.97 -4.40 9.29
N THR B 108 1.94 -4.84 10.08
CA THR B 108 2.86 -3.93 10.76
C THR B 108 4.28 -4.19 10.31
N PRO B 109 4.98 -3.15 9.86
CA PRO B 109 6.37 -3.31 9.40
C PRO B 109 7.26 -3.86 10.50
N SER B 110 8.23 -4.69 10.11
CA SER B 110 9.17 -5.28 11.04
C SER B 110 9.98 -4.19 11.75
N GLY B 111 10.26 -4.38 13.03
CA GLY B 111 11.01 -3.37 13.76
C GLY B 111 10.08 -2.39 14.45
N ARG B 112 8.88 -2.23 13.90
CA ARG B 112 7.87 -1.33 14.49
C ARG B 112 6.94 -2.13 15.41
N MET B 113 6.26 -1.43 16.30
CA MET B 113 5.33 -2.12 17.22
C MET B 113 3.91 -2.14 16.66
N ARG B 114 3.26 -3.29 16.73
CA ARG B 114 1.90 -3.43 16.22
C ARG B 114 0.94 -2.51 16.97
N PRO B 115 -0.20 -2.19 16.35
CA PRO B 115 -1.18 -1.33 17.02
C PRO B 115 -1.80 -2.14 18.15
N ARG B 116 -2.05 -1.50 19.29
CA ARG B 116 -2.65 -2.21 20.42
C ARG B 116 -4.05 -2.70 20.15
N CYS B 117 -4.43 -3.75 20.87
CA CYS B 117 -5.73 -4.36 20.71
C CYS B 117 -6.35 -4.68 22.07
N ILE B 118 -7.58 -4.21 22.28
CA ILE B 118 -8.26 -4.48 23.54
C ILE B 118 -9.62 -5.08 23.22
N ALA B 119 -10.24 -5.72 24.21
CA ALA B 119 -11.52 -6.36 23.97
C ALA B 119 -12.73 -5.81 24.74
N VAL B 120 -13.89 -5.95 24.11
CA VAL B 120 -15.14 -5.56 24.74
C VAL B 120 -15.55 -6.84 25.51
N THR B 121 -15.89 -6.70 26.78
CA THR B 121 -16.32 -7.85 27.58
C THR B 121 -17.83 -7.91 27.41
N GLN B 122 -18.51 -7.03 28.12
CA GLN B 122 -19.95 -6.92 28.00
C GLN B 122 -20.15 -5.43 27.79
N LEU B 123 -20.89 -5.07 26.75
CA LEU B 123 -21.13 -3.66 26.47
C LEU B 123 -21.64 -2.98 27.74
N THR B 124 -21.25 -1.73 27.94
CA THR B 124 -21.70 -0.98 29.12
C THR B 124 -23.22 -0.86 29.15
N SER B 125 -23.86 -1.14 28.02
CA SER B 125 -25.31 -1.05 27.92
C SER B 125 -26.03 -2.37 28.22
N THR B 126 -25.27 -3.41 28.53
CA THR B 126 -25.87 -4.71 28.84
C THR B 126 -26.12 -4.84 30.34
N ASP B 127 -27.36 -5.13 30.74
CA ASP B 127 -27.66 -5.31 32.17
C ASP B 127 -27.78 -6.80 32.49
N GLU B 128 -27.86 -7.12 33.78
CA GLU B 128 -27.95 -8.51 34.21
C GLU B 128 -29.14 -9.26 33.63
N ARG B 129 -30.24 -8.55 33.42
CA ARG B 129 -31.46 -9.12 32.84
C ARG B 129 -31.25 -9.56 31.39
N MET B 130 -30.53 -8.75 30.62
CA MET B 130 -30.23 -9.06 29.24
C MET B 130 -29.29 -10.27 29.18
N LEU B 131 -28.27 -10.25 30.04
CA LEU B 131 -27.29 -11.33 30.12
C LEU B 131 -27.99 -12.65 30.48
N HIS B 132 -29.00 -12.55 31.35
CA HIS B 132 -29.76 -13.71 31.81
C HIS B 132 -30.75 -14.22 30.76
N GLU B 133 -31.77 -13.43 30.48
CA GLU B 133 -32.83 -13.79 29.55
C GLU B 133 -32.51 -13.80 28.06
N GLU B 134 -31.65 -12.90 27.59
CA GLU B 134 -31.36 -12.84 26.15
C GLU B 134 -30.14 -13.64 25.71
N LEU B 135 -28.98 -13.32 26.26
CA LEU B 135 -27.75 -14.01 25.90
C LEU B 135 -27.68 -15.45 26.40
N TRP B 136 -28.41 -15.74 27.47
CA TRP B 136 -28.44 -17.09 28.06
C TRP B 136 -27.14 -17.45 28.80
N ILE B 137 -26.45 -16.46 29.33
CA ILE B 137 -25.24 -16.70 30.10
C ILE B 137 -25.68 -16.80 31.56
N SER B 138 -25.42 -17.94 32.19
CA SER B 138 -25.83 -18.21 33.58
C SER B 138 -24.88 -17.86 34.72
N ARG B 139 -24.06 -16.83 34.55
CA ARG B 139 -23.16 -16.44 35.63
C ARG B 139 -23.37 -14.95 35.85
N PRO B 140 -23.15 -14.48 37.09
CA PRO B 140 -23.34 -13.06 37.37
C PRO B 140 -22.65 -12.19 36.32
N LEU B 141 -23.17 -11.00 36.09
CA LEU B 141 -22.59 -10.10 35.12
C LEU B 141 -21.11 -9.80 35.42
N VAL B 142 -20.78 -9.63 36.69
CA VAL B 142 -19.42 -9.32 37.09
C VAL B 142 -18.40 -10.43 36.82
N GLU B 143 -18.78 -11.66 37.09
CA GLU B 143 -17.89 -12.79 36.85
C GLU B 143 -17.72 -13.00 35.36
N THR B 144 -18.79 -12.75 34.61
CA THR B 144 -18.76 -12.91 33.16
C THR B 144 -17.81 -11.90 32.56
N VAL B 145 -17.82 -10.68 33.11
CA VAL B 145 -16.93 -9.63 32.66
C VAL B 145 -15.46 -10.01 32.93
N ALA B 146 -15.16 -10.47 34.14
CA ALA B 146 -13.80 -10.84 34.50
C ALA B 146 -13.32 -12.06 33.72
N HIS B 147 -14.23 -12.97 33.43
CA HIS B 147 -13.96 -14.18 32.68
C HIS B 147 -13.54 -13.80 31.26
N TYR B 148 -14.41 -13.04 30.58
CA TYR B 148 -14.18 -12.57 29.23
C TYR B 148 -12.85 -11.80 29.17
N ALA B 149 -12.58 -11.03 30.21
CA ALA B 149 -11.35 -10.27 30.30
C ALA B 149 -10.20 -11.27 30.40
N ALA B 150 -10.37 -12.28 31.23
CA ALA B 150 -9.36 -13.31 31.38
C ALA B 150 -9.16 -13.96 30.01
N LEU B 151 -10.26 -14.21 29.32
CA LEU B 151 -10.20 -14.80 27.99
C LEU B 151 -9.33 -13.97 27.06
N ALA B 152 -9.49 -12.64 27.11
CA ALA B 152 -8.72 -11.72 26.28
C ALA B 152 -7.24 -11.74 26.66
N LYS B 153 -6.96 -11.79 27.96
CA LYS B 153 -5.58 -11.83 28.43
C LYS B 153 -4.92 -13.12 27.95
N GLU B 154 -5.66 -14.22 28.01
CA GLU B 154 -5.13 -15.51 27.57
C GLU B 154 -4.89 -15.54 26.07
N SER B 155 -5.63 -14.71 25.34
CA SER B 155 -5.50 -14.64 23.89
C SER B 155 -4.34 -13.78 23.40
N GLY B 156 -3.77 -12.98 24.30
CA GLY B 156 -2.65 -12.13 23.92
C GLY B 156 -3.03 -10.67 23.73
N LEU B 157 -4.27 -10.32 24.05
CA LEU B 157 -4.69 -8.92 23.90
C LEU B 157 -4.09 -8.07 25.03
N ASP B 158 -3.92 -6.78 24.77
CA ASP B 158 -3.33 -5.86 25.73
C ASP B 158 -4.26 -5.28 26.79
N GLY B 159 -5.54 -5.60 26.69
CA GLY B 159 -6.49 -5.07 27.66
C GLY B 159 -7.94 -5.21 27.29
N VAL B 160 -8.77 -4.34 27.84
CA VAL B 160 -10.21 -4.39 27.61
C VAL B 160 -10.84 -3.03 27.87
N VAL B 161 -12.08 -2.87 27.42
CA VAL B 161 -12.83 -1.65 27.69
C VAL B 161 -13.66 -2.06 28.91
N CYS B 162 -13.76 -1.19 29.93
CA CYS B 162 -14.51 -1.53 31.16
C CYS B 162 -15.01 -0.31 31.93
N SER B 163 -15.91 -0.56 32.89
CA SER B 163 -16.44 0.52 33.73
C SER B 163 -15.33 0.89 34.69
N ALA B 164 -15.29 2.16 35.07
CA ALA B 164 -14.26 2.63 35.99
C ALA B 164 -14.18 1.71 37.21
N ASN B 165 -15.34 1.40 37.79
CA ASN B 165 -15.41 0.56 38.99
C ASN B 165 -15.26 -0.93 38.68
N GLU B 166 -14.83 -1.23 37.45
CA GLU B 166 -14.66 -2.60 37.00
C GLU B 166 -13.18 -2.94 36.81
N ALA B 167 -12.36 -1.91 36.61
CA ALA B 167 -10.92 -2.06 36.39
C ALA B 167 -10.15 -2.72 37.53
N ALA B 168 -10.54 -2.42 38.77
CA ALA B 168 -9.87 -2.99 39.92
C ALA B 168 -10.02 -4.50 39.90
N PHE B 169 -11.24 -4.95 39.64
CA PHE B 169 -11.57 -6.36 39.59
C PHE B 169 -10.83 -7.02 38.43
N ILE B 170 -10.82 -6.34 37.29
CA ILE B 170 -10.14 -6.86 36.10
C ILE B 170 -8.63 -6.99 36.27
N LYS B 171 -7.97 -5.90 36.67
CA LYS B 171 -6.52 -5.91 36.87
C LYS B 171 -6.10 -6.96 37.90
N GLU B 172 -6.89 -7.12 38.95
CA GLU B 172 -6.60 -8.11 39.99
C GLU B 172 -6.60 -9.50 39.36
N ARG B 173 -7.53 -9.71 38.44
CA ARG B 173 -7.69 -10.99 37.76
C ARG B 173 -6.72 -11.20 36.59
N CYS B 174 -6.42 -10.13 35.85
CA CYS B 174 -5.54 -10.21 34.68
C CYS B 174 -4.12 -9.66 34.81
N GLY B 175 -3.82 -9.00 35.91
CA GLY B 175 -2.49 -8.44 36.08
C GLY B 175 -2.59 -6.94 36.02
N ALA B 176 -1.75 -6.23 36.78
CA ALA B 176 -1.80 -4.78 36.80
C ALA B 176 -1.44 -4.13 35.45
N SER B 177 -0.70 -4.84 34.60
CA SER B 177 -0.31 -4.28 33.32
C SER B 177 -1.40 -4.41 32.24
N PHE B 178 -2.48 -5.12 32.54
CA PHE B 178 -3.58 -5.29 31.59
C PHE B 178 -4.32 -3.94 31.56
N LEU B 179 -4.37 -3.31 30.38
CA LEU B 179 -5.00 -1.99 30.25
C LEU B 179 -6.50 -1.95 30.54
N ALA B 180 -6.92 -0.87 31.19
CA ALA B 180 -8.32 -0.66 31.50
C ALA B 180 -8.71 0.66 30.83
N VAL B 181 -9.58 0.58 29.82
CA VAL B 181 -10.04 1.75 29.10
C VAL B 181 -11.49 1.96 29.49
N THR B 182 -11.82 3.12 30.04
CA THR B 182 -13.19 3.40 30.45
C THR B 182 -13.76 4.63 29.77
N VAL B 199 -18.15 9.53 34.81
CA VAL B 199 -17.50 9.75 36.11
C VAL B 199 -16.43 10.82 35.97
N THR B 200 -15.78 11.16 37.09
CA THR B 200 -14.74 12.19 37.10
C THR B 200 -13.38 11.66 36.63
N PRO B 201 -12.56 12.52 36.01
CA PRO B 201 -11.25 12.04 35.57
C PRO B 201 -10.50 11.58 36.80
N ARG B 202 -10.50 12.44 37.82
CA ARG B 202 -9.83 12.15 39.07
C ARG B 202 -10.37 10.82 39.61
N LYS B 203 -11.69 10.68 39.55
CA LYS B 203 -12.33 9.46 40.03
C LYS B 203 -11.93 8.26 39.20
N ALA B 204 -11.95 8.45 37.88
CA ALA B 204 -11.59 7.37 36.96
C ALA B 204 -10.22 6.83 37.30
N ARG B 205 -9.31 7.73 37.68
CA ARG B 205 -7.94 7.33 38.01
C ARG B 205 -7.87 6.60 39.35
N ALA B 206 -8.58 7.11 40.35
CA ALA B 206 -8.58 6.46 41.66
C ALA B 206 -9.10 5.04 41.52
N LEU B 207 -10.10 4.85 40.65
CA LEU B 207 -10.69 3.54 40.43
C LEU B 207 -9.87 2.52 39.62
N GLY B 208 -8.64 2.89 39.27
CA GLY B 208 -7.78 1.96 38.55
C GLY B 208 -7.72 1.98 37.02
N SER B 209 -8.33 2.97 36.38
CA SER B 209 -8.29 3.00 34.92
C SER B 209 -7.03 3.60 34.32
N ASP B 210 -6.61 3.07 33.18
CA ASP B 210 -5.42 3.57 32.50
C ASP B 210 -5.79 4.67 31.52
N TYR B 211 -6.86 4.44 30.76
CA TYR B 211 -7.31 5.41 29.77
C TYR B 211 -8.74 5.86 30.06
N ILE B 212 -8.99 7.13 29.83
CA ILE B 212 -10.31 7.72 30.06
C ILE B 212 -10.89 8.28 28.74
N VAL B 213 -11.97 7.67 28.26
CA VAL B 213 -12.59 8.13 27.02
C VAL B 213 -13.41 9.39 27.31
N ILE B 214 -12.92 10.53 26.85
CA ILE B 214 -13.62 11.78 27.09
C ILE B 214 -14.62 12.07 25.97
N GLY B 215 -15.84 12.45 26.35
CA GLY B 215 -16.88 12.75 25.40
C GLY B 215 -17.22 14.24 25.24
N ARG B 216 -18.51 14.56 25.27
CA ARG B 216 -18.98 15.93 25.09
C ARG B 216 -18.33 16.97 25.98
N SER B 217 -17.99 16.58 27.20
CA SER B 217 -17.35 17.51 28.13
C SER B 217 -16.16 18.22 27.47
N LEU B 218 -15.58 17.60 26.46
CA LEU B 218 -14.46 18.24 25.78
C LEU B 218 -14.84 18.65 24.36
N THR B 219 -15.38 17.70 23.61
CA THR B 219 -15.76 17.97 22.23
C THR B 219 -16.78 19.09 22.08
N ARG B 220 -17.52 19.39 23.13
CA ARG B 220 -18.53 20.45 23.04
C ARG B 220 -18.20 21.65 23.93
N ALA B 221 -16.93 21.75 24.33
CA ALA B 221 -16.49 22.86 25.16
C ALA B 221 -16.23 24.08 24.29
N ALA B 222 -16.47 25.26 24.84
CA ALA B 222 -16.24 26.50 24.12
C ALA B 222 -14.74 26.82 24.11
N ASP B 223 -14.05 26.37 25.15
CA ASP B 223 -12.61 26.55 25.26
C ASP B 223 -12.04 25.15 25.36
N PRO B 224 -11.93 24.46 24.23
CA PRO B 224 -11.40 23.09 24.23
C PRO B 224 -9.94 22.95 24.71
N LEU B 225 -9.08 23.87 24.31
CA LEU B 225 -7.68 23.79 24.72
C LEU B 225 -7.54 24.02 26.23
N ARG B 226 -8.26 25.01 26.74
CA ARG B 226 -8.21 25.31 28.17
C ARG B 226 -8.79 24.11 28.92
N THR B 227 -9.88 23.56 28.38
CA THR B 227 -10.53 22.41 28.98
C THR B 227 -9.59 21.21 28.98
N TYR B 228 -8.91 20.98 27.87
CA TYR B 228 -8.02 19.83 27.81
C TYR B 228 -6.95 19.94 28.90
N ALA B 229 -6.41 21.15 29.08
CA ALA B 229 -5.39 21.38 30.10
C ALA B 229 -5.92 21.06 31.49
N ARG B 230 -7.17 21.44 31.74
CA ARG B 230 -7.83 21.19 33.02
C ARG B 230 -7.90 19.69 33.32
N LEU B 231 -8.42 18.94 32.35
CA LEU B 231 -8.55 17.49 32.48
C LEU B 231 -7.23 16.85 32.88
N GLN B 232 -6.16 17.29 32.25
CA GLN B 232 -4.83 16.77 32.53
C GLN B 232 -4.45 17.14 33.96
N HIS B 233 -4.88 18.31 34.41
CA HIS B 233 -4.57 18.78 35.76
C HIS B 233 -5.31 17.99 36.81
N GLU B 234 -6.61 17.77 36.58
CA GLU B 234 -7.43 17.02 37.52
C GLU B 234 -6.97 15.57 37.61
N TRP B 235 -6.54 15.03 36.49
CA TRP B 235 -6.06 13.66 36.44
C TRP B 235 -4.75 13.56 37.21
N ASN B 236 -3.84 14.50 36.93
CA ASN B 236 -2.53 14.54 37.58
C ASN B 236 -2.66 14.71 39.10
N PRO C 6 5.26 -5.71 -32.94
CA PRO C 6 5.52 -6.71 -31.89
C PRO C 6 7.01 -6.79 -31.63
N PHE C 7 7.77 -6.20 -32.54
CA PHE C 7 9.21 -6.22 -32.43
C PHE C 7 9.83 -4.91 -31.99
N ILE C 8 10.76 -5.02 -31.06
CA ILE C 8 11.49 -3.87 -30.55
C ILE C 8 12.97 -4.19 -30.76
N VAL C 9 13.57 -3.47 -31.70
CA VAL C 9 14.97 -3.68 -32.05
C VAL C 9 15.92 -2.97 -31.08
N ALA C 10 16.70 -3.75 -30.34
CA ALA C 10 17.65 -3.19 -29.38
C ALA C 10 18.85 -2.60 -30.11
N LEU C 11 18.91 -1.28 -30.18
CA LEU C 11 20.03 -0.62 -30.84
C LEU C 11 21.27 -0.62 -29.96
N ASP C 12 21.70 -1.82 -29.56
CA ASP C 12 22.89 -1.91 -28.72
C ASP C 12 24.18 -1.76 -29.54
N PHE C 13 24.50 -0.51 -29.88
CA PHE C 13 25.70 -0.13 -30.63
C PHE C 13 26.51 0.85 -29.81
N PRO C 14 27.85 0.82 -29.95
CA PRO C 14 28.72 1.72 -29.19
C PRO C 14 28.88 3.13 -29.74
N SER C 15 28.00 3.55 -30.65
CA SER C 15 28.10 4.89 -31.23
C SER C 15 26.95 5.27 -32.16
N LYS C 16 26.69 6.57 -32.27
CA LYS C 16 25.64 7.08 -33.13
C LYS C 16 26.02 6.72 -34.57
N GLN C 17 27.32 6.62 -34.81
CA GLN C 17 27.86 6.27 -36.12
C GLN C 17 27.24 4.97 -36.61
N GLU C 18 27.50 3.90 -35.87
CA GLU C 18 26.99 2.58 -36.20
C GLU C 18 25.48 2.45 -36.14
N VAL C 19 24.84 3.23 -35.28
CA VAL C 19 23.39 3.18 -35.21
C VAL C 19 22.93 3.61 -36.59
N GLU C 20 23.33 4.81 -36.96
CA GLU C 20 23.00 5.40 -38.25
C GLU C 20 23.28 4.39 -39.38
N ARG C 21 24.41 3.70 -39.31
CA ARG C 21 24.80 2.72 -40.33
C ARG C 21 23.82 1.54 -40.43
N PHE C 22 23.46 0.97 -39.28
CA PHE C 22 22.53 -0.16 -39.22
C PHE C 22 21.14 0.22 -39.72
N LEU C 23 20.69 1.43 -39.42
CA LEU C 23 19.36 1.88 -39.81
C LEU C 23 19.17 2.29 -41.28
N ARG C 24 20.27 2.53 -41.98
CA ARG C 24 20.20 2.94 -43.38
C ARG C 24 19.16 2.20 -44.23
N PRO C 25 19.23 0.87 -44.29
CA PRO C 25 18.23 0.15 -45.10
C PRO C 25 16.80 0.27 -44.59
N PHE C 26 16.65 0.68 -43.34
CA PHE C 26 15.32 0.84 -42.74
C PHE C 26 14.81 2.24 -42.94
N ALA C 27 15.48 3.00 -43.80
CA ALA C 27 15.07 4.36 -44.09
C ALA C 27 13.66 4.32 -44.67
N GLY C 28 13.31 3.19 -45.28
CA GLY C 28 11.98 3.06 -45.86
C GLY C 28 11.07 2.12 -45.08
N THR C 29 11.63 1.50 -44.05
CA THR C 29 10.87 0.57 -43.22
C THR C 29 10.91 1.01 -41.76
N PRO C 30 9.86 1.68 -41.29
CA PRO C 30 9.82 2.13 -39.90
C PRO C 30 9.98 0.97 -38.90
N LEU C 31 10.67 1.24 -37.79
CA LEU C 31 10.90 0.23 -36.75
C LEU C 31 10.58 0.77 -35.36
N PHE C 32 10.39 -0.14 -34.41
CA PHE C 32 10.16 0.25 -33.02
C PHE C 32 11.53 -0.09 -32.44
N VAL C 33 12.30 0.93 -32.08
CA VAL C 33 13.65 0.70 -31.56
C VAL C 33 13.84 1.01 -30.08
N LYS C 34 14.82 0.35 -29.49
CA LYS C 34 15.14 0.53 -28.09
C LYS C 34 16.49 1.21 -27.87
N VAL C 35 16.48 2.27 -27.08
CA VAL C 35 17.69 3.00 -26.76
C VAL C 35 18.02 2.74 -25.29
N GLY C 36 19.09 1.99 -25.04
CA GLY C 36 19.49 1.66 -23.69
C GLY C 36 20.30 2.79 -23.05
N MET C 37 20.68 2.63 -21.79
CA MET C 37 21.41 3.69 -21.09
C MET C 37 22.85 3.92 -21.53
N GLU C 38 23.49 2.93 -22.14
CA GLU C 38 24.86 3.13 -22.58
C GLU C 38 24.89 4.14 -23.72
N LEU C 39 24.01 3.94 -24.70
CA LEU C 39 23.90 4.82 -25.86
C LEU C 39 23.30 6.20 -25.50
N TYR C 40 22.25 6.19 -24.68
CA TYR C 40 21.63 7.45 -24.33
C TYR C 40 22.50 8.36 -23.47
N TYR C 41 23.36 7.78 -22.63
CA TYR C 41 24.22 8.60 -21.79
C TYR C 41 25.40 9.21 -22.56
N GLN C 42 25.67 8.69 -23.76
CA GLN C 42 26.76 9.19 -24.58
C GLN C 42 26.24 10.08 -25.70
N GLU C 43 25.03 9.82 -26.18
CA GLU C 43 24.45 10.61 -27.27
C GLU C 43 23.46 11.69 -26.81
N GLY C 44 22.86 11.49 -25.64
CA GLY C 44 21.91 12.46 -25.14
C GLY C 44 20.63 12.46 -25.94
N PRO C 45 19.74 13.43 -25.72
CA PRO C 45 18.46 13.50 -26.44
C PRO C 45 18.58 13.66 -27.96
N ALA C 46 19.80 13.90 -28.45
CA ALA C 46 19.98 14.05 -29.88
C ALA C 46 19.70 12.74 -30.64
N ILE C 47 20.10 11.61 -30.05
CA ILE C 47 19.90 10.31 -30.68
C ILE C 47 18.41 10.01 -30.90
N VAL C 48 17.55 10.47 -30.00
CA VAL C 48 16.13 10.22 -30.15
C VAL C 48 15.58 11.08 -31.27
N ALA C 49 16.10 12.29 -31.40
CA ALA C 49 15.64 13.19 -32.45
C ALA C 49 15.93 12.51 -33.78
N PHE C 50 17.14 11.99 -33.90
CA PHE C 50 17.54 11.29 -35.13
C PHE C 50 16.57 10.17 -35.46
N LEU C 51 16.42 9.23 -34.53
CA LEU C 51 15.55 8.09 -34.72
C LEU C 51 14.14 8.53 -35.08
N LYS C 52 13.66 9.59 -34.43
CA LYS C 52 12.32 10.11 -34.71
C LYS C 52 12.25 10.68 -36.12
N GLU C 53 13.31 11.35 -36.54
CA GLU C 53 13.35 11.92 -37.87
C GLU C 53 13.31 10.79 -38.91
N GLN C 54 14.01 9.69 -38.62
CA GLN C 54 14.04 8.53 -39.53
C GLN C 54 12.66 7.91 -39.57
N GLY C 55 11.80 8.32 -38.64
CA GLY C 55 10.44 7.82 -38.60
C GLY C 55 10.25 6.59 -37.74
N HIS C 56 11.21 6.33 -36.85
CA HIS C 56 11.10 5.16 -35.99
C HIS C 56 10.47 5.54 -34.65
N ALA C 57 9.80 4.58 -34.01
CA ALA C 57 9.19 4.78 -32.70
C ALA C 57 10.27 4.41 -31.68
N VAL C 58 10.37 5.15 -30.58
CA VAL C 58 11.42 4.90 -29.60
C VAL C 58 11.05 4.41 -28.21
N PHE C 59 11.79 3.41 -27.74
CA PHE C 59 11.63 2.88 -26.39
C PHE C 59 12.89 3.33 -25.68
N LEU C 60 12.73 4.33 -24.82
CA LEU C 60 13.83 4.88 -24.03
C LEU C 60 13.95 4.03 -22.75
N ASP C 61 14.80 3.01 -22.80
CA ASP C 61 15.00 2.10 -21.67
C ASP C 61 16.13 2.55 -20.74
N LEU C 62 15.78 3.40 -19.75
CA LEU C 62 16.72 3.94 -18.79
C LEU C 62 16.44 3.45 -17.36
N LYS C 63 15.33 2.72 -17.20
CA LYS C 63 14.94 2.18 -15.90
C LYS C 63 15.07 3.21 -14.76
N LEU C 64 14.27 4.25 -14.81
CA LEU C 64 14.33 5.28 -13.79
C LEU C 64 13.91 4.69 -12.44
N HIS C 65 14.68 5.02 -11.40
CA HIS C 65 14.44 4.54 -10.05
C HIS C 65 14.98 5.64 -9.14
N ASP C 66 14.09 6.55 -8.74
CA ASP C 66 14.47 7.67 -7.89
C ASP C 66 13.22 8.09 -7.08
N ILE C 67 13.31 9.20 -6.35
CA ILE C 67 12.18 9.69 -5.57
C ILE C 67 11.09 10.19 -6.52
N PRO C 68 9.81 10.07 -6.12
CA PRO C 68 8.65 10.48 -6.93
C PRO C 68 8.79 11.75 -7.77
N ASN C 69 9.11 12.87 -7.13
CA ASN C 69 9.20 14.12 -7.86
C ASN C 69 10.27 14.16 -8.94
N THR C 70 11.39 13.50 -8.71
CA THR C 70 12.47 13.49 -9.67
C THR C 70 12.08 12.68 -10.92
N VAL C 71 11.52 11.49 -10.71
CA VAL C 71 11.09 10.64 -11.82
C VAL C 71 10.01 11.36 -12.63
N LYS C 72 9.16 12.11 -11.94
CA LYS C 72 8.09 12.84 -12.62
C LYS C 72 8.62 13.91 -13.57
N GLN C 73 9.55 14.72 -13.10
CA GLN C 73 10.13 15.76 -13.92
C GLN C 73 10.95 15.15 -15.04
N ALA C 74 11.56 14.00 -14.77
CA ALA C 74 12.39 13.33 -15.77
C ALA C 74 11.49 12.75 -16.86
N MET C 75 10.38 12.14 -16.45
CA MET C 75 9.44 11.55 -17.40
C MET C 75 8.79 12.65 -18.24
N LYS C 76 8.55 13.80 -17.62
CA LYS C 76 7.96 14.92 -18.32
C LYS C 76 8.96 15.30 -19.42
N GLY C 77 10.24 15.28 -19.05
CA GLY C 77 11.30 15.62 -19.98
C GLY C 77 11.45 14.57 -21.08
N LEU C 78 11.31 13.29 -20.73
CA LEU C 78 11.44 12.24 -21.73
C LEU C 78 10.26 12.27 -22.69
N ALA C 79 9.16 12.88 -22.27
CA ALA C 79 7.99 12.98 -23.15
C ALA C 79 8.33 14.04 -24.19
N ARG C 80 8.81 15.17 -23.71
CA ARG C 80 9.19 16.30 -24.55
C ARG C 80 10.24 15.84 -25.55
N VAL C 81 11.14 14.97 -25.10
CA VAL C 81 12.21 14.45 -25.94
C VAL C 81 11.67 13.71 -27.15
N GLY C 82 10.65 12.88 -26.95
CA GLY C 82 10.09 12.16 -28.08
C GLY C 82 10.07 10.64 -27.92
N ALA C 83 10.02 10.19 -26.68
CA ALA C 83 9.98 8.75 -26.38
C ALA C 83 8.56 8.25 -26.58
N ASP C 84 8.42 7.01 -27.05
CA ASP C 84 7.11 6.40 -27.26
C ASP C 84 6.82 5.36 -26.18
N LEU C 85 7.88 4.95 -25.48
CA LEU C 85 7.78 3.97 -24.42
C LEU C 85 8.95 4.18 -23.47
N VAL C 86 8.65 4.21 -22.18
CA VAL C 86 9.67 4.39 -21.16
C VAL C 86 9.45 3.32 -20.10
N ASN C 87 10.39 3.18 -19.19
CA ASN C 87 10.26 2.19 -18.14
C ASN C 87 10.83 2.71 -16.83
N VAL C 88 10.49 2.03 -15.74
CA VAL C 88 10.92 2.39 -14.39
C VAL C 88 11.06 1.11 -13.57
N HIS C 89 11.63 1.21 -12.38
CA HIS C 89 11.76 0.04 -11.49
C HIS C 89 10.55 -0.02 -10.55
N ALA C 90 9.83 -1.13 -10.54
CA ALA C 90 8.69 -1.25 -9.65
C ALA C 90 9.20 -1.07 -8.22
N ALA C 91 10.45 -1.46 -7.98
CA ALA C 91 11.06 -1.31 -6.66
C ALA C 91 11.02 0.16 -6.22
N GLY C 92 10.78 1.06 -7.17
CA GLY C 92 10.69 2.47 -6.82
C GLY C 92 9.43 2.78 -6.03
N GLY C 93 8.47 1.86 -6.00
CA GLY C 93 7.26 2.10 -5.24
C GLY C 93 6.08 2.65 -6.03
N ARG C 94 4.89 2.36 -5.53
CA ARG C 94 3.65 2.79 -6.14
C ARG C 94 3.62 4.30 -6.36
N ARG C 95 4.06 5.05 -5.36
CA ARG C 95 4.08 6.49 -5.43
C ARG C 95 4.94 7.02 -6.57
N MET C 96 6.14 6.48 -6.72
CA MET C 96 7.05 6.90 -7.77
C MET C 96 6.48 6.55 -9.15
N MET C 97 5.93 5.35 -9.28
CA MET C 97 5.35 4.92 -10.54
C MET C 97 4.18 5.82 -10.93
N GLU C 98 3.31 6.14 -9.98
CA GLU C 98 2.18 7.03 -10.22
C GLU C 98 2.67 8.40 -10.68
N ALA C 99 3.74 8.90 -10.04
CA ALA C 99 4.28 10.20 -10.40
C ALA C 99 4.87 10.15 -11.80
N ALA C 100 5.41 9.01 -12.19
CA ALA C 100 5.97 8.89 -13.54
C ALA C 100 4.86 9.16 -14.55
N ILE C 101 3.70 8.54 -14.36
CA ILE C 101 2.57 8.72 -15.27
C ILE C 101 2.14 10.19 -15.33
N GLU C 102 2.14 10.89 -14.20
CA GLU C 102 1.75 12.30 -14.19
C GLU C 102 2.74 13.04 -15.08
N GLY C 103 4.04 12.83 -14.84
CA GLY C 103 5.07 13.49 -15.61
C GLY C 103 4.88 13.29 -17.12
N LEU C 104 4.47 12.10 -17.52
CA LEU C 104 4.26 11.81 -18.94
C LEU C 104 3.09 12.63 -19.50
N ASP C 105 1.96 12.64 -18.78
CA ASP C 105 0.81 13.41 -19.25
C ASP C 105 1.19 14.89 -19.29
N ALA C 106 1.90 15.34 -18.26
CA ALA C 106 2.32 16.74 -18.18
C ALA C 106 3.23 17.16 -19.33
N GLY C 107 3.95 16.19 -19.91
CA GLY C 107 4.85 16.52 -21.02
C GLY C 107 4.26 16.08 -22.35
N THR C 108 2.97 15.78 -22.34
CA THR C 108 2.27 15.34 -23.53
C THR C 108 1.15 16.32 -23.90
N PRO C 109 1.13 16.78 -25.16
CA PRO C 109 0.11 17.73 -25.63
C PRO C 109 -1.30 17.17 -25.52
N SER C 110 -2.24 18.04 -25.14
CA SER C 110 -3.63 17.66 -24.98
C SER C 110 -4.23 17.00 -26.21
N GLY C 111 -4.99 15.93 -25.99
CA GLY C 111 -5.60 15.22 -27.10
C GLY C 111 -4.72 14.03 -27.47
N ARG C 112 -3.44 14.29 -27.70
CA ARG C 112 -2.48 13.25 -28.05
C ARG C 112 -2.33 12.22 -26.91
N MET C 113 -1.85 11.03 -27.23
CA MET C 113 -1.67 9.99 -26.22
C MET C 113 -0.28 10.04 -25.57
N ARG C 114 -0.25 9.92 -24.26
CA ARG C 114 1.01 9.95 -23.54
C ARG C 114 1.84 8.75 -23.91
N PRO C 115 3.15 8.83 -23.72
CA PRO C 115 4.04 7.70 -24.05
C PRO C 115 3.78 6.56 -23.06
N ARG C 116 3.79 5.32 -23.55
CA ARG C 116 3.58 4.16 -22.70
C ARG C 116 4.69 4.07 -21.66
N CYS C 117 4.38 3.40 -20.55
CA CYS C 117 5.33 3.24 -19.45
C CYS C 117 5.17 1.86 -18.83
N ILE C 118 6.22 1.06 -18.89
CA ILE C 118 6.19 -0.27 -18.30
C ILE C 118 7.20 -0.34 -17.17
N ALA C 119 7.08 -1.37 -16.33
CA ALA C 119 7.98 -1.48 -15.19
C ALA C 119 8.87 -2.72 -15.13
N VAL C 120 10.07 -2.54 -14.59
CA VAL C 120 10.97 -3.67 -14.39
C VAL C 120 10.51 -4.26 -13.05
N THR C 121 10.36 -5.59 -12.98
CA THR C 121 9.96 -6.25 -11.74
C THR C 121 11.29 -6.62 -11.11
N GLN C 122 11.88 -7.73 -11.56
CA GLN C 122 13.20 -8.14 -11.11
C GLN C 122 13.99 -8.29 -12.41
N LEU C 123 15.17 -7.71 -12.47
CA LEU C 123 16.00 -7.79 -13.65
C LEU C 123 16.14 -9.22 -14.10
N THR C 124 16.32 -9.43 -15.41
CA THR C 124 16.50 -10.76 -15.95
C THR C 124 17.76 -11.40 -15.37
N SER C 125 18.69 -10.56 -14.91
CA SER C 125 19.93 -11.07 -14.35
C SER C 125 19.89 -11.40 -12.84
N THR C 126 18.76 -11.14 -12.18
CA THR C 126 18.64 -11.42 -10.75
C THR C 126 18.16 -12.85 -10.50
N ASP C 127 18.98 -13.65 -9.82
CA ASP C 127 18.60 -15.03 -9.50
C ASP C 127 18.07 -15.13 -8.06
N GLU C 128 17.61 -16.32 -7.69
CA GLU C 128 17.06 -16.55 -6.36
C GLU C 128 18.00 -16.19 -5.22
N ARG C 129 19.22 -16.68 -5.30
CA ARG C 129 20.24 -16.41 -4.29
C ARG C 129 20.39 -14.91 -4.01
N MET C 130 20.35 -14.11 -5.07
CA MET C 130 20.48 -12.67 -4.97
C MET C 130 19.27 -12.06 -4.26
N LEU C 131 18.07 -12.45 -4.69
CA LEU C 131 16.85 -11.94 -4.08
C LEU C 131 16.89 -12.27 -2.59
N HIS C 132 17.33 -13.48 -2.28
CA HIS C 132 17.43 -13.95 -0.89
C HIS C 132 18.49 -13.22 -0.05
N GLU C 133 19.77 -13.50 -0.32
CA GLU C 133 20.90 -12.93 0.42
C GLU C 133 21.21 -11.45 0.26
N GLU C 134 21.05 -10.92 -0.94
CA GLU C 134 21.40 -9.52 -1.15
C GLU C 134 20.27 -8.52 -0.96
N LEU C 135 19.16 -8.70 -1.68
CA LEU C 135 18.06 -7.76 -1.58
C LEU C 135 17.23 -7.93 -0.30
N TRP C 136 17.38 -9.09 0.36
CA TRP C 136 16.66 -9.40 1.60
C TRP C 136 15.14 -9.49 1.44
N ILE C 137 14.68 -9.91 0.27
CA ILE C 137 13.24 -10.09 -0.01
C ILE C 137 12.98 -11.56 0.31
N SER C 138 12.04 -11.82 1.22
CA SER C 138 11.75 -13.20 1.64
C SER C 138 10.52 -13.89 1.05
N ARG C 139 10.42 -13.89 -0.27
CA ARG C 139 9.33 -14.55 -0.96
C ARG C 139 9.96 -15.05 -2.26
N PRO C 140 9.53 -16.22 -2.76
CA PRO C 140 10.12 -16.72 -4.01
C PRO C 140 10.28 -15.64 -5.08
N LEU C 141 11.18 -15.88 -6.02
CA LEU C 141 11.39 -14.94 -7.10
C LEU C 141 10.12 -14.79 -7.93
N VAL C 142 9.48 -15.91 -8.23
CA VAL C 142 8.26 -15.91 -9.01
C VAL C 142 7.13 -15.05 -8.41
N GLU C 143 6.89 -15.21 -7.11
CA GLU C 143 5.85 -14.44 -6.43
C GLU C 143 6.24 -12.97 -6.38
N THR C 144 7.52 -12.72 -6.13
CA THR C 144 8.03 -11.36 -6.05
C THR C 144 7.79 -10.63 -7.37
N VAL C 145 7.97 -11.35 -8.48
CA VAL C 145 7.75 -10.75 -9.80
C VAL C 145 6.27 -10.43 -10.02
N ALA C 146 5.39 -11.35 -9.63
CA ALA C 146 3.96 -11.13 -9.81
C ALA C 146 3.52 -9.98 -8.93
N HIS C 147 4.06 -9.91 -7.73
CA HIS C 147 3.73 -8.85 -6.77
C HIS C 147 4.07 -7.49 -7.37
N TYR C 148 5.33 -7.33 -7.78
CA TYR C 148 5.81 -6.10 -8.38
C TYR C 148 5.00 -5.74 -9.62
N ALA C 149 4.65 -6.74 -10.40
CA ALA C 149 3.85 -6.52 -11.59
C ALA C 149 2.49 -5.95 -11.16
N ALA C 150 1.91 -6.52 -10.12
CA ALA C 150 0.62 -6.05 -9.61
C ALA C 150 0.78 -4.61 -9.12
N LEU C 151 1.83 -4.37 -8.36
CA LEU C 151 2.11 -3.04 -7.86
C LEU C 151 2.07 -2.06 -9.05
N ALA C 152 2.76 -2.42 -10.14
CA ALA C 152 2.81 -1.58 -11.35
C ALA C 152 1.44 -1.39 -12.00
N LYS C 153 0.65 -2.46 -12.01
CA LYS C 153 -0.70 -2.40 -12.57
C LYS C 153 -1.54 -1.47 -11.69
N GLU C 154 -1.40 -1.62 -10.38
CA GLU C 154 -2.15 -0.80 -9.44
C GLU C 154 -1.79 0.68 -9.58
N SER C 155 -0.54 0.95 -9.94
CA SER C 155 -0.05 2.33 -10.07
C SER C 155 -0.42 3.02 -11.38
N GLY C 156 -1.08 2.30 -12.27
CA GLY C 156 -1.49 2.89 -13.54
C GLY C 156 -0.55 2.64 -14.70
N LEU C 157 0.44 1.77 -14.52
CA LEU C 157 1.36 1.49 -15.61
C LEU C 157 0.70 0.57 -16.63
N ASP C 158 1.24 0.53 -17.85
CA ASP C 158 0.67 -0.26 -18.93
C ASP C 158 1.14 -1.70 -19.02
N GLY C 159 2.24 -2.02 -18.38
CA GLY C 159 2.74 -3.38 -18.44
C GLY C 159 4.06 -3.54 -17.73
N VAL C 160 4.83 -4.54 -18.14
CA VAL C 160 6.12 -4.80 -17.51
C VAL C 160 7.06 -5.51 -18.46
N VAL C 161 8.34 -5.51 -18.10
CA VAL C 161 9.36 -6.22 -18.85
C VAL C 161 9.40 -7.57 -18.12
N CYS C 162 9.30 -8.68 -18.84
CA CYS C 162 9.31 -10.00 -18.20
C CYS C 162 9.89 -11.09 -19.10
N SER C 163 10.35 -12.18 -18.48
CA SER C 163 10.89 -13.32 -19.21
C SER C 163 9.70 -13.95 -19.92
N ALA C 164 9.92 -14.46 -21.11
CA ALA C 164 8.85 -15.08 -21.89
C ALA C 164 7.94 -16.00 -21.09
N ASN C 165 8.52 -16.98 -20.41
CA ASN C 165 7.72 -17.94 -19.64
C ASN C 165 7.30 -17.38 -18.30
N GLU C 166 7.15 -16.06 -18.25
CA GLU C 166 6.75 -15.34 -17.04
C GLU C 166 5.49 -14.56 -17.39
N ALA C 167 5.30 -14.36 -18.69
CA ALA C 167 4.17 -13.61 -19.22
C ALA C 167 2.77 -14.09 -18.85
N ALA C 168 2.53 -15.39 -18.95
CA ALA C 168 1.21 -15.94 -18.64
C ALA C 168 0.87 -15.75 -17.16
N PHE C 169 1.86 -15.94 -16.29
CA PHE C 169 1.63 -15.79 -14.86
C PHE C 169 1.21 -14.36 -14.56
N ILE C 170 1.92 -13.39 -15.14
CA ILE C 170 1.63 -11.99 -14.90
C ILE C 170 0.27 -11.55 -15.45
N LYS C 171 -0.05 -11.99 -16.66
CA LYS C 171 -1.31 -11.63 -17.29
C LYS C 171 -2.50 -12.23 -16.54
N GLU C 172 -2.28 -13.39 -15.93
CA GLU C 172 -3.33 -14.05 -15.15
C GLU C 172 -3.63 -13.20 -13.92
N ARG C 173 -2.58 -12.59 -13.38
CA ARG C 173 -2.67 -11.76 -12.18
C ARG C 173 -3.13 -10.31 -12.48
N CYS C 174 -2.59 -9.74 -13.56
CA CYS C 174 -2.88 -8.35 -13.93
C CYS C 174 -3.86 -8.07 -15.06
N GLY C 175 -4.29 -9.10 -15.79
CA GLY C 175 -5.21 -8.88 -16.89
C GLY C 175 -4.48 -9.07 -18.20
N ALA C 176 -5.15 -9.60 -19.20
CA ALA C 176 -4.50 -9.83 -20.50
C ALA C 176 -4.15 -8.57 -21.27
N SER C 177 -4.64 -7.41 -20.81
CA SER C 177 -4.34 -6.17 -21.50
C SER C 177 -3.05 -5.54 -20.94
N PHE C 178 -2.47 -6.18 -19.92
CA PHE C 178 -1.23 -5.70 -19.29
C PHE C 178 -0.12 -6.17 -20.22
N LEU C 179 0.61 -5.24 -20.83
CA LEU C 179 1.66 -5.62 -21.77
C LEU C 179 2.79 -6.46 -21.21
N ALA C 180 3.30 -7.36 -22.05
CA ALA C 180 4.40 -8.22 -21.66
C ALA C 180 5.54 -8.05 -22.68
N VAL C 181 6.56 -7.30 -22.30
CA VAL C 181 7.72 -7.05 -23.15
C VAL C 181 8.85 -8.00 -22.75
N THR C 182 9.21 -8.91 -23.65
CA THR C 182 10.28 -9.87 -23.36
C THR C 182 11.50 -9.65 -24.24
N VAL C 199 14.80 -16.86 -26.88
CA VAL C 199 13.74 -17.76 -27.32
C VAL C 199 13.23 -17.37 -28.72
N THR C 200 12.51 -18.29 -29.36
CA THR C 200 11.97 -18.05 -30.70
C THR C 200 10.85 -17.02 -30.71
N PRO C 201 10.74 -16.21 -31.78
CA PRO C 201 9.65 -15.24 -31.77
C PRO C 201 8.36 -16.05 -31.64
N ARG C 202 8.34 -17.20 -32.31
CA ARG C 202 7.20 -18.10 -32.30
C ARG C 202 6.93 -18.58 -30.87
N LYS C 203 7.99 -19.02 -30.19
CA LYS C 203 7.90 -19.50 -28.82
C LYS C 203 7.47 -18.34 -27.92
N ALA C 204 8.10 -17.19 -28.11
CA ALA C 204 7.79 -16.01 -27.33
C ALA C 204 6.30 -15.71 -27.43
N ARG C 205 5.79 -15.74 -28.65
CA ARG C 205 4.37 -15.49 -28.90
C ARG C 205 3.51 -16.53 -28.20
N ALA C 206 3.96 -17.78 -28.22
CA ALA C 206 3.23 -18.87 -27.58
C ALA C 206 3.19 -18.71 -26.07
N LEU C 207 4.24 -18.12 -25.49
CA LEU C 207 4.32 -17.92 -24.05
C LEU C 207 3.53 -16.72 -23.52
N GLY C 208 2.88 -15.98 -24.41
CA GLY C 208 2.08 -14.85 -23.97
C GLY C 208 2.64 -13.44 -24.05
N SER C 209 3.84 -13.29 -24.62
CA SER C 209 4.41 -11.96 -24.72
C SER C 209 3.70 -11.10 -25.76
N ASP C 210 3.70 -9.79 -25.55
CA ASP C 210 3.07 -8.86 -26.48
C ASP C 210 4.13 -8.30 -27.42
N TYR C 211 5.29 -8.00 -26.86
CA TYR C 211 6.39 -7.44 -27.63
C TYR C 211 7.67 -8.23 -27.39
N ILE C 212 8.44 -8.44 -28.45
CA ILE C 212 9.70 -9.16 -28.32
C ILE C 212 10.85 -8.21 -28.61
N VAL C 213 11.85 -8.20 -27.74
CA VAL C 213 13.00 -7.32 -27.95
C VAL C 213 14.06 -8.09 -28.74
N ILE C 214 14.32 -7.63 -29.96
CA ILE C 214 15.27 -8.24 -30.85
C ILE C 214 16.66 -7.65 -30.71
N GLY C 215 17.67 -8.51 -30.57
CA GLY C 215 19.05 -8.06 -30.42
C GLY C 215 19.93 -8.32 -31.64
N ARG C 216 21.04 -9.01 -31.43
CA ARG C 216 21.98 -9.29 -32.49
C ARG C 216 21.39 -10.05 -33.66
N SER C 217 20.36 -10.83 -33.37
CA SER C 217 19.67 -11.61 -34.39
C SER C 217 19.38 -10.75 -35.62
N LEU C 218 18.96 -9.51 -35.37
CA LEU C 218 18.65 -8.61 -36.46
C LEU C 218 19.76 -7.59 -36.65
N THR C 219 20.16 -6.93 -35.57
CA THR C 219 21.20 -5.90 -35.66
C THR C 219 22.53 -6.37 -36.23
N ARG C 220 22.79 -7.67 -36.23
CA ARG C 220 24.06 -8.15 -36.77
C ARG C 220 23.90 -9.06 -37.99
N ALA C 221 22.73 -9.01 -38.61
CA ALA C 221 22.46 -9.84 -39.78
C ALA C 221 22.94 -9.17 -41.06
N ALA C 222 23.35 -9.99 -42.03
CA ALA C 222 23.84 -9.49 -43.31
C ALA C 222 22.69 -8.93 -44.14
N ASP C 223 21.54 -9.57 -44.03
CA ASP C 223 20.34 -9.15 -44.75
C ASP C 223 19.31 -8.72 -43.71
N PRO C 224 19.47 -7.50 -43.18
CA PRO C 224 18.53 -7.00 -42.17
C PRO C 224 17.06 -6.94 -42.61
N LEU C 225 16.80 -6.40 -43.80
CA LEU C 225 15.43 -6.27 -44.27
C LEU C 225 14.74 -7.62 -44.48
N ARG C 226 15.48 -8.61 -44.94
CA ARG C 226 14.88 -9.91 -45.15
C ARG C 226 14.77 -10.69 -43.83
N THR C 227 15.70 -10.43 -42.91
CA THR C 227 15.68 -11.08 -41.62
C THR C 227 14.47 -10.55 -40.87
N TYR C 228 14.23 -9.26 -41.00
CA TYR C 228 13.10 -8.66 -40.32
C TYR C 228 11.81 -9.24 -40.86
N ALA C 229 11.71 -9.36 -42.19
CA ALA C 229 10.51 -9.92 -42.81
C ALA C 229 10.31 -11.36 -42.32
N ARG C 230 11.40 -12.11 -42.24
CA ARG C 230 11.37 -13.50 -41.77
C ARG C 230 10.82 -13.54 -40.35
N LEU C 231 11.31 -12.59 -39.54
CA LEU C 231 10.93 -12.44 -38.14
C LEU C 231 9.41 -12.26 -37.99
N GLN C 232 8.84 -11.43 -38.84
CA GLN C 232 7.40 -11.16 -38.79
C GLN C 232 6.60 -12.40 -39.20
N HIS C 233 7.19 -13.21 -40.09
CA HIS C 233 6.53 -14.42 -40.57
C HIS C 233 6.54 -15.54 -39.54
N GLU C 234 7.61 -15.67 -38.78
CA GLU C 234 7.69 -16.72 -37.76
C GLU C 234 6.70 -16.41 -36.65
N TRP C 235 6.47 -15.12 -36.43
CA TRP C 235 5.56 -14.64 -35.41
C TRP C 235 4.12 -14.77 -35.90
N ASN C 236 3.93 -14.72 -37.21
CA ASN C 236 2.61 -14.84 -37.81
C ASN C 236 2.25 -16.31 -38.03
N PRO D 6 -31.74 -14.93 -4.87
CA PRO D 6 -31.48 -16.35 -4.53
C PRO D 6 -30.03 -16.54 -4.13
N PHE D 7 -29.14 -15.99 -4.95
CA PHE D 7 -27.71 -16.11 -4.71
C PHE D 7 -27.06 -14.81 -4.25
N ILE D 8 -26.15 -14.95 -3.28
CA ILE D 8 -25.41 -13.82 -2.76
C ILE D 8 -23.93 -14.13 -2.97
N VAL D 9 -23.30 -13.39 -3.89
CA VAL D 9 -21.91 -13.62 -4.21
C VAL D 9 -20.95 -12.86 -3.29
N ALA D 10 -20.14 -13.61 -2.53
CA ALA D 10 -19.18 -13.01 -1.60
C ALA D 10 -17.98 -12.44 -2.35
N LEU D 11 -17.87 -11.11 -2.37
CA LEU D 11 -16.76 -10.46 -3.05
C LEU D 11 -15.53 -10.50 -2.16
N ASP D 12 -15.08 -11.70 -1.83
CA ASP D 12 -13.89 -11.83 -0.99
C ASP D 12 -12.61 -11.67 -1.82
N PHE D 13 -12.28 -10.43 -2.15
CA PHE D 13 -11.08 -10.07 -2.91
C PHE D 13 -10.24 -9.09 -2.07
N PRO D 14 -8.91 -9.10 -2.26
CA PRO D 14 -8.08 -8.19 -1.48
C PRO D 14 -7.96 -6.76 -2.02
N SER D 15 -8.78 -6.40 -3.00
CA SER D 15 -8.69 -5.04 -3.55
C SER D 15 -9.82 -4.65 -4.49
N LYS D 16 -10.11 -3.34 -4.53
CA LYS D 16 -11.16 -2.80 -5.40
C LYS D 16 -10.86 -3.22 -6.85
N GLN D 17 -9.59 -3.14 -7.25
CA GLN D 17 -9.20 -3.52 -8.60
C GLN D 17 -9.70 -4.91 -8.97
N GLU D 18 -9.34 -5.89 -8.16
CA GLU D 18 -9.74 -7.27 -8.39
C GLU D 18 -11.25 -7.45 -8.35
N VAL D 19 -11.94 -6.60 -7.60
CA VAL D 19 -13.39 -6.68 -7.53
C VAL D 19 -13.95 -6.22 -8.87
N GLU D 20 -13.46 -5.09 -9.34
CA GLU D 20 -13.91 -4.56 -10.62
C GLU D 20 -13.61 -5.57 -11.73
N ARG D 21 -12.46 -6.22 -11.63
CA ARG D 21 -12.05 -7.22 -12.62
C ARG D 21 -13.01 -8.40 -12.72
N PHE D 22 -13.34 -9.01 -11.58
CA PHE D 22 -14.28 -10.13 -11.52
C PHE D 22 -15.68 -9.73 -11.99
N LEU D 23 -16.07 -8.50 -11.70
CA LEU D 23 -17.39 -8.01 -12.05
C LEU D 23 -17.63 -7.58 -13.51
N ARG D 24 -16.56 -7.32 -14.25
CA ARG D 24 -16.70 -6.90 -15.66
C ARG D 24 -17.76 -7.67 -16.48
N PRO D 25 -17.66 -9.00 -16.55
CA PRO D 25 -18.65 -9.76 -17.33
C PRO D 25 -20.09 -9.62 -16.83
N PHE D 26 -20.24 -9.21 -15.58
CA PHE D 26 -21.56 -9.03 -14.99
C PHE D 26 -22.04 -7.62 -15.21
N ALA D 27 -21.33 -6.88 -16.04
CA ALA D 27 -21.71 -5.52 -16.34
C ALA D 27 -23.13 -5.54 -16.90
N GLY D 28 -23.51 -6.68 -17.49
CA GLY D 28 -24.85 -6.79 -18.05
C GLY D 28 -25.78 -7.70 -17.28
N THR D 29 -25.26 -8.37 -16.26
CA THR D 29 -26.04 -9.28 -15.46
C THR D 29 -25.99 -8.87 -13.98
N PRO D 30 -27.04 -8.21 -13.49
CA PRO D 30 -27.10 -7.78 -12.09
C PRO D 30 -26.88 -8.93 -11.11
N LEU D 31 -26.23 -8.64 -9.99
CA LEU D 31 -25.96 -9.65 -8.96
C LEU D 31 -26.27 -9.10 -7.57
N PHE D 32 -26.45 -10.01 -6.62
CA PHE D 32 -26.68 -9.64 -5.24
C PHE D 32 -25.31 -9.97 -4.65
N VAL D 33 -24.54 -8.94 -4.32
CA VAL D 33 -23.19 -9.16 -3.81
C VAL D 33 -23.00 -8.86 -2.34
N LYS D 34 -22.05 -9.58 -1.73
CA LYS D 34 -21.74 -9.40 -0.31
C LYS D 34 -20.38 -8.74 -0.12
N VAL D 35 -20.35 -7.67 0.66
CA VAL D 35 -19.13 -6.97 0.96
C VAL D 35 -18.84 -7.19 2.45
N GLY D 36 -17.75 -7.92 2.72
CA GLY D 36 -17.37 -8.21 4.10
C GLY D 36 -16.51 -7.11 4.71
N MET D 37 -16.18 -7.24 5.99
CA MET D 37 -15.41 -6.20 6.67
C MET D 37 -13.95 -5.99 6.27
N GLU D 38 -13.35 -6.95 5.58
CA GLU D 38 -11.96 -6.78 5.17
C GLU D 38 -11.94 -5.74 4.04
N LEU D 39 -12.84 -5.92 3.08
CA LEU D 39 -12.96 -5.03 1.92
C LEU D 39 -13.56 -3.66 2.26
N TYR D 40 -14.57 -3.65 3.13
CA TYR D 40 -15.19 -2.39 3.48
C TYR D 40 -14.32 -1.48 4.33
N TYR D 41 -13.47 -2.05 5.17
CA TYR D 41 -12.62 -1.23 6.02
C TYR D 41 -11.40 -0.66 5.27
N GLN D 42 -11.18 -1.13 4.05
CA GLN D 42 -10.06 -0.65 3.25
C GLN D 42 -10.55 0.22 2.10
N GLU D 43 -11.78 -0.04 1.63
CA GLU D 43 -12.33 0.75 0.52
C GLU D 43 -13.32 1.82 0.95
N GLY D 44 -13.97 1.60 2.10
CA GLY D 44 -14.94 2.57 2.58
C GLY D 44 -16.23 2.53 1.77
N PRO D 45 -17.16 3.46 2.01
CA PRO D 45 -18.44 3.51 1.31
C PRO D 45 -18.33 3.70 -0.21
N ALA D 46 -17.12 3.97 -0.69
CA ALA D 46 -16.92 4.15 -2.12
C ALA D 46 -17.15 2.84 -2.87
N ILE D 47 -16.73 1.72 -2.27
CA ILE D 47 -16.88 0.42 -2.92
C ILE D 47 -18.35 0.08 -3.14
N VAL D 48 -19.22 0.55 -2.25
CA VAL D 48 -20.65 0.31 -2.37
C VAL D 48 -21.21 1.16 -3.49
N ALA D 49 -20.67 2.36 -3.63
CA ALA D 49 -21.14 3.26 -4.68
C ALA D 49 -20.82 2.59 -6.01
N PHE D 50 -19.61 2.03 -6.12
CA PHE D 50 -19.23 1.35 -7.36
C PHE D 50 -20.24 0.26 -7.70
N LEU D 51 -20.41 -0.68 -6.79
CA LEU D 51 -21.33 -1.79 -6.97
C LEU D 51 -22.74 -1.35 -7.33
N LYS D 52 -23.20 -0.27 -6.70
CA LYS D 52 -24.55 0.24 -6.97
C LYS D 52 -24.62 0.83 -8.37
N GLU D 53 -23.57 1.53 -8.79
CA GLU D 53 -23.54 2.10 -10.12
C GLU D 53 -23.61 0.98 -11.15
N GLN D 54 -22.90 -0.13 -10.86
CA GLN D 54 -22.88 -1.30 -11.74
C GLN D 54 -24.25 -1.94 -11.78
N GLY D 55 -25.11 -1.54 -10.86
CA GLY D 55 -26.46 -2.06 -10.82
C GLY D 55 -26.63 -3.30 -9.99
N HIS D 56 -25.68 -3.56 -9.10
CA HIS D 56 -25.76 -4.73 -8.26
C HIS D 56 -26.38 -4.36 -6.90
N ALA D 57 -27.03 -5.33 -6.26
CA ALA D 57 -27.62 -5.14 -4.94
C ALA D 57 -26.52 -5.51 -3.94
N VAL D 58 -26.45 -4.80 -2.82
CA VAL D 58 -25.39 -5.04 -1.85
C VAL D 58 -25.76 -5.52 -0.46
N PHE D 59 -25.04 -6.54 0.01
CA PHE D 59 -25.20 -7.06 1.35
C PHE D 59 -23.95 -6.60 2.07
N LEU D 60 -24.11 -5.61 2.94
CA LEU D 60 -23.01 -5.07 3.72
C LEU D 60 -22.88 -5.91 5.00
N ASP D 61 -22.04 -6.94 4.96
CA ASP D 61 -21.84 -7.85 6.09
C ASP D 61 -20.73 -7.38 7.03
N LEU D 62 -21.10 -6.53 8.00
CA LEU D 62 -20.17 -5.99 8.98
C LEU D 62 -20.48 -6.46 10.41
N LYS D 63 -21.56 -7.20 10.57
CA LYS D 63 -21.95 -7.72 11.88
C LYS D 63 -21.84 -6.69 12.99
N LEU D 64 -22.65 -5.64 12.92
CA LEU D 64 -22.62 -4.60 13.94
C LEU D 64 -22.99 -5.19 15.31
N HIS D 65 -22.20 -4.84 16.32
CA HIS D 65 -22.42 -5.32 17.68
C HIS D 65 -21.89 -4.22 18.60
N ASP D 66 -22.78 -3.34 19.03
CA ASP D 66 -22.41 -2.21 19.89
C ASP D 66 -23.65 -1.78 20.69
N ILE D 67 -23.55 -0.69 21.44
CA ILE D 67 -24.69 -0.19 22.21
C ILE D 67 -25.78 0.32 21.24
N PRO D 68 -27.06 0.20 21.64
CA PRO D 68 -28.22 0.62 20.85
C PRO D 68 -28.10 1.90 20.01
N ASN D 69 -27.71 3.00 20.64
CA ASN D 69 -27.61 4.26 19.92
C ASN D 69 -26.59 4.26 18.80
N THR D 70 -25.44 3.63 19.05
CA THR D 70 -24.38 3.58 18.06
C THR D 70 -24.81 2.78 16.82
N VAL D 71 -25.43 1.63 17.04
CA VAL D 71 -25.89 0.79 15.94
C VAL D 71 -26.97 1.50 15.13
N LYS D 72 -27.84 2.26 15.81
CA LYS D 72 -28.90 2.99 15.13
C LYS D 72 -28.38 4.08 14.20
N GLN D 73 -27.40 4.85 14.67
CA GLN D 73 -26.85 5.92 13.87
C GLN D 73 -26.00 5.33 12.75
N ALA D 74 -25.32 4.21 13.03
CA ALA D 74 -24.48 3.57 12.04
C ALA D 74 -25.33 2.90 10.96
N MET D 75 -26.48 2.36 11.36
CA MET D 75 -27.39 1.73 10.42
C MET D 75 -28.05 2.80 9.57
N LYS D 76 -28.27 3.97 10.17
CA LYS D 76 -28.86 5.08 9.42
C LYS D 76 -27.84 5.42 8.34
N GLY D 77 -26.57 5.39 8.72
CA GLY D 77 -25.51 5.70 7.78
C GLY D 77 -25.40 4.65 6.68
N LEU D 78 -25.51 3.38 7.03
CA LEU D 78 -25.41 2.35 6.01
C LEU D 78 -26.60 2.39 5.06
N ALA D 79 -27.68 3.04 5.47
CA ALA D 79 -28.84 3.17 4.60
C ALA D 79 -28.48 4.19 3.53
N ARG D 80 -27.98 5.35 3.97
CA ARG D 80 -27.57 6.41 3.07
C ARG D 80 -26.55 5.87 2.09
N VAL D 81 -25.61 5.07 2.60
CA VAL D 81 -24.57 4.49 1.78
C VAL D 81 -25.16 3.66 0.64
N GLY D 82 -26.36 3.13 0.84
CA GLY D 82 -26.99 2.35 -0.21
C GLY D 82 -27.00 0.85 -0.05
N ALA D 83 -26.89 0.38 1.19
CA ALA D 83 -26.91 -1.06 1.45
C ALA D 83 -28.31 -1.60 1.21
N ASP D 84 -28.41 -2.84 0.74
CA ASP D 84 -29.70 -3.48 0.48
C ASP D 84 -30.03 -4.49 1.57
N LEU D 85 -29.00 -4.95 2.26
CA LEU D 85 -29.14 -5.92 3.34
C LEU D 85 -27.96 -5.73 4.27
N VAL D 86 -28.25 -5.67 5.56
CA VAL D 86 -27.22 -5.51 6.57
C VAL D 86 -27.45 -6.56 7.64
N ASN D 87 -26.51 -6.68 8.57
CA ASN D 87 -26.67 -7.65 9.63
C ASN D 87 -26.11 -7.14 10.95
N VAL D 88 -26.45 -7.84 12.03
CA VAL D 88 -26.03 -7.49 13.37
C VAL D 88 -25.89 -8.79 14.18
N HIS D 89 -25.25 -8.72 15.35
CA HIS D 89 -25.11 -9.90 16.22
C HIS D 89 -26.31 -9.96 17.15
N ALA D 90 -26.96 -11.12 17.22
CA ALA D 90 -28.10 -11.25 18.11
C ALA D 90 -27.60 -11.02 19.54
N ALA D 91 -26.34 -11.35 19.78
CA ALA D 91 -25.73 -11.17 21.09
C ALA D 91 -25.80 -9.71 21.54
N GLY D 92 -26.09 -8.81 20.60
CA GLY D 92 -26.19 -7.41 20.95
C GLY D 92 -27.45 -7.08 21.73
N GLY D 93 -28.39 -8.00 21.84
CA GLY D 93 -29.60 -7.74 22.60
C GLY D 93 -30.78 -7.24 21.80
N ARG D 94 -31.99 -7.51 22.31
CA ARG D 94 -33.23 -7.13 21.66
C ARG D 94 -33.30 -5.63 21.38
N ARG D 95 -32.90 -4.82 22.37
CA ARG D 95 -32.93 -3.37 22.21
C ARG D 95 -32.02 -2.86 21.10
N MET D 96 -30.81 -3.41 21.02
CA MET D 96 -29.86 -2.99 20.00
C MET D 96 -30.41 -3.35 18.62
N MET D 97 -30.91 -4.58 18.48
CA MET D 97 -31.48 -5.02 17.21
C MET D 97 -32.66 -4.13 16.82
N GLU D 98 -33.50 -3.77 17.80
CA GLU D 98 -34.65 -2.90 17.56
C GLU D 98 -34.15 -1.52 17.10
N ALA D 99 -33.09 -1.03 17.73
CA ALA D 99 -32.54 0.27 17.38
C ALA D 99 -31.98 0.24 15.96
N ALA D 100 -31.43 -0.91 15.55
CA ALA D 100 -30.89 -1.01 14.20
C ALA D 100 -32.00 -0.71 13.19
N ILE D 101 -33.13 -1.40 13.33
CA ILE D 101 -34.27 -1.20 12.45
C ILE D 101 -34.66 0.27 12.38
N GLU D 102 -34.67 0.93 13.53
CA GLU D 102 -35.00 2.34 13.58
C GLU D 102 -34.02 3.11 12.70
N GLY D 103 -32.73 2.89 12.91
CA GLY D 103 -31.73 3.57 12.11
C GLY D 103 -31.96 3.38 10.62
N LEU D 104 -32.26 2.16 10.20
CA LEU D 104 -32.51 1.88 8.80
C LEU D 104 -33.69 2.71 8.26
N ASP D 105 -34.83 2.69 8.95
CA ASP D 105 -35.97 3.48 8.51
C ASP D 105 -35.60 4.96 8.49
N ALA D 106 -34.97 5.42 9.56
CA ALA D 106 -34.56 6.82 9.66
C ALA D 106 -33.70 7.25 8.47
N GLY D 107 -32.94 6.31 7.89
CA GLY D 107 -32.09 6.64 6.76
C GLY D 107 -32.69 6.20 5.42
N THR D 108 -33.96 5.85 5.43
CA THR D 108 -34.64 5.42 4.23
C THR D 108 -35.73 6.40 3.84
N PRO D 109 -35.72 6.87 2.59
CA PRO D 109 -36.73 7.83 2.10
C PRO D 109 -38.15 7.28 2.23
N SER D 110 -39.07 8.15 2.63
CA SER D 110 -40.47 7.79 2.81
C SER D 110 -41.09 7.09 1.60
N GLY D 111 -41.98 6.13 1.86
CA GLY D 111 -42.62 5.41 0.77
C GLY D 111 -41.56 4.69 -0.04
N ARG D 112 -40.62 4.07 0.67
CA ARG D 112 -39.53 3.33 0.05
C ARG D 112 -39.14 2.27 1.07
N MET D 113 -38.96 1.03 0.63
CA MET D 113 -38.60 -0.04 1.55
C MET D 113 -37.21 0.10 2.17
N ARG D 114 -37.13 -0.08 3.48
CA ARG D 114 -35.84 0.01 4.17
C ARG D 114 -34.99 -1.20 3.81
N PRO D 115 -33.68 -1.10 4.03
CA PRO D 115 -32.82 -2.23 3.73
C PRO D 115 -33.14 -3.38 4.69
N ARG D 116 -33.14 -4.62 4.19
CA ARG D 116 -33.40 -5.78 5.04
C ARG D 116 -32.28 -5.86 6.07
N CYS D 117 -32.56 -6.51 7.20
CA CYS D 117 -31.60 -6.66 8.27
C CYS D 117 -31.75 -8.02 8.91
N ILE D 118 -30.70 -8.83 8.87
CA ILE D 118 -30.73 -10.15 9.47
C ILE D 118 -29.71 -10.23 10.59
N ALA D 119 -29.81 -11.28 11.42
CA ALA D 119 -28.90 -11.39 12.54
C ALA D 119 -28.04 -12.64 12.61
N VAL D 120 -26.82 -12.47 13.14
CA VAL D 120 -25.92 -13.58 13.35
C VAL D 120 -26.38 -14.19 14.68
N THR D 121 -26.58 -15.50 14.74
CA THR D 121 -26.97 -16.17 15.97
C THR D 121 -25.65 -16.53 16.64
N GLN D 122 -25.02 -17.60 16.16
CA GLN D 122 -23.69 -18.00 16.62
C GLN D 122 -22.89 -18.13 15.33
N LEU D 123 -21.66 -17.64 15.32
CA LEU D 123 -20.82 -17.72 14.15
C LEU D 123 -20.62 -19.15 13.69
N THR D 124 -20.46 -19.35 12.39
CA THR D 124 -20.25 -20.69 11.84
C THR D 124 -18.98 -21.33 12.43
N SER D 125 -18.05 -20.50 12.88
CA SER D 125 -16.82 -21.01 13.46
C SER D 125 -16.88 -21.35 14.96
N THR D 126 -18.01 -21.06 15.59
CA THR D 126 -18.17 -21.33 17.03
C THR D 126 -18.62 -22.77 17.30
N ASP D 127 -17.80 -23.54 18.00
CA ASP D 127 -18.18 -24.92 18.32
C ASP D 127 -18.74 -25.03 19.75
N GLU D 128 -19.22 -26.22 20.10
CA GLU D 128 -19.79 -26.46 21.43
C GLU D 128 -18.88 -26.07 22.58
N ARG D 129 -17.64 -26.54 22.53
CA ARG D 129 -16.65 -26.26 23.56
C ARG D 129 -16.50 -24.76 23.81
N MET D 130 -16.47 -23.98 22.73
CA MET D 130 -16.32 -22.54 22.81
C MET D 130 -17.54 -21.91 23.51
N LEU D 131 -18.74 -22.33 23.08
CA LEU D 131 -19.96 -21.81 23.66
C LEU D 131 -19.98 -22.15 25.15
N HIS D 132 -19.52 -23.35 25.47
CA HIS D 132 -19.46 -23.85 26.84
C HIS D 132 -18.42 -23.19 27.75
N GLU D 133 -17.16 -23.36 27.43
CA GLU D 133 -16.07 -22.83 28.25
C GLU D 133 -15.64 -21.38 28.04
N GLU D 134 -15.87 -20.85 26.85
CA GLU D 134 -15.45 -19.48 26.62
C GLU D 134 -16.53 -18.43 26.80
N LEU D 135 -17.67 -18.63 26.15
CA LEU D 135 -18.77 -17.68 26.24
C LEU D 135 -19.63 -17.84 27.49
N TRP D 136 -19.50 -19.00 28.14
CA TRP D 136 -20.25 -19.31 29.35
C TRP D 136 -21.77 -19.42 29.17
N ILE D 137 -22.19 -19.85 27.99
CA ILE D 137 -23.62 -20.03 27.71
C ILE D 137 -23.87 -21.50 28.05
N SER D 138 -24.77 -21.75 29.01
CA SER D 138 -25.06 -23.11 29.48
C SER D 138 -26.18 -23.90 28.80
N ARG D 139 -26.44 -23.62 27.53
CA ARG D 139 -27.49 -24.36 26.84
C ARG D 139 -26.87 -24.92 25.56
N PRO D 140 -27.40 -26.04 25.05
CA PRO D 140 -26.82 -26.60 23.83
C PRO D 140 -26.64 -25.54 22.74
N LEU D 141 -25.70 -25.78 21.83
CA LEU D 141 -25.45 -24.85 20.75
C LEU D 141 -26.70 -24.69 19.88
N VAL D 142 -27.36 -25.81 19.59
CA VAL D 142 -28.56 -25.79 18.76
C VAL D 142 -29.70 -24.94 19.33
N GLU D 143 -30.00 -25.13 20.62
CA GLU D 143 -31.07 -24.37 21.27
C GLU D 143 -30.65 -22.91 21.36
N THR D 144 -29.36 -22.68 21.59
CA THR D 144 -28.83 -21.34 21.71
C THR D 144 -29.00 -20.60 20.39
N VAL D 145 -28.82 -21.30 19.27
CA VAL D 145 -29.00 -20.67 17.96
C VAL D 145 -30.49 -20.35 17.74
N ALA D 146 -31.36 -21.29 18.09
CA ALA D 146 -32.80 -21.07 17.91
C ALA D 146 -33.28 -19.91 18.77
N HIS D 147 -32.76 -19.85 19.99
CA HIS D 147 -33.10 -18.79 20.95
C HIS D 147 -32.74 -17.42 20.38
N TYR D 148 -31.50 -17.27 19.93
CA TYR D 148 -31.04 -16.01 19.36
C TYR D 148 -31.89 -15.63 18.15
N ALA D 149 -32.24 -16.62 17.34
CA ALA D 149 -33.06 -16.39 16.17
C ALA D 149 -34.41 -15.81 16.62
N ALA D 150 -35.03 -16.42 17.62
CA ALA D 150 -36.31 -15.93 18.12
C ALA D 150 -36.14 -14.49 18.62
N LEU D 151 -35.08 -14.26 19.37
CA LEU D 151 -34.81 -12.92 19.87
C LEU D 151 -34.83 -11.95 18.68
N ALA D 152 -34.12 -12.30 17.61
CA ALA D 152 -34.03 -11.47 16.40
C ALA D 152 -35.40 -11.27 15.76
N LYS D 153 -36.21 -12.32 15.74
CA LYS D 153 -37.56 -12.24 15.18
C LYS D 153 -38.41 -11.34 16.06
N GLU D 154 -38.26 -11.48 17.38
CA GLU D 154 -39.04 -10.68 18.31
C GLU D 154 -38.66 -9.19 18.20
N SER D 155 -37.41 -8.91 17.83
CA SER D 155 -36.94 -7.54 17.70
C SER D 155 -37.33 -6.85 16.40
N GLY D 156 -37.91 -7.59 15.47
CA GLY D 156 -38.33 -6.98 14.21
C GLY D 156 -37.42 -7.25 13.03
N LEU D 157 -36.40 -8.08 13.22
CA LEU D 157 -35.49 -8.39 12.12
C LEU D 157 -36.19 -9.33 11.12
N ASP D 158 -35.66 -9.39 9.90
CA ASP D 158 -36.25 -10.19 8.85
C ASP D 158 -35.76 -11.63 8.76
N GLY D 159 -34.63 -11.91 9.40
CA GLY D 159 -34.10 -13.26 9.36
C GLY D 159 -32.76 -13.39 10.05
N VAL D 160 -32.01 -14.42 9.67
CA VAL D 160 -30.72 -14.66 10.26
C VAL D 160 -29.79 -15.40 9.30
N VAL D 161 -28.51 -15.42 9.64
CA VAL D 161 -27.52 -16.15 8.87
C VAL D 161 -27.43 -17.49 9.62
N CYS D 162 -27.61 -18.60 8.93
CA CYS D 162 -27.56 -19.92 9.59
C CYS D 162 -26.95 -21.00 8.70
N SER D 163 -26.56 -22.11 9.32
CA SER D 163 -26.02 -23.25 8.58
C SER D 163 -27.21 -23.83 7.86
N ALA D 164 -26.98 -24.35 6.65
CA ALA D 164 -28.05 -24.93 5.86
C ALA D 164 -28.95 -25.87 6.66
N ASN D 165 -28.35 -26.68 7.53
CA ASN D 165 -29.14 -27.63 8.30
C ASN D 165 -29.73 -27.08 9.60
N GLU D 166 -29.72 -25.75 9.76
CA GLU D 166 -30.30 -25.11 10.95
C GLU D 166 -31.56 -24.38 10.48
N ALA D 167 -31.62 -24.15 9.17
CA ALA D 167 -32.73 -23.45 8.54
C ALA D 167 -34.12 -23.97 8.92
N ALA D 168 -34.29 -25.29 8.85
CA ALA D 168 -35.57 -25.90 9.18
C ALA D 168 -35.97 -25.67 10.63
N PHE D 169 -35.01 -25.87 11.53
CA PHE D 169 -35.25 -25.69 12.95
C PHE D 169 -35.64 -24.24 13.21
N ILE D 170 -34.90 -23.32 12.62
CA ILE D 170 -35.18 -21.90 12.82
C ILE D 170 -36.53 -21.47 12.26
N LYS D 171 -36.88 -21.92 11.06
CA LYS D 171 -38.16 -21.55 10.46
C LYS D 171 -39.34 -22.13 11.23
N GLU D 172 -39.14 -23.31 11.80
CA GLU D 172 -40.19 -23.95 12.59
C GLU D 172 -40.46 -23.09 13.82
N ARG D 173 -39.39 -22.56 14.40
CA ARG D 173 -39.43 -21.73 15.59
C ARG D 173 -39.86 -20.28 15.29
N CYS D 174 -39.34 -19.71 14.21
CA CYS D 174 -39.62 -18.31 13.85
C CYS D 174 -40.62 -18.01 12.74
N GLY D 175 -41.07 -19.02 12.01
CA GLY D 175 -42.01 -18.77 10.93
C GLY D 175 -41.31 -18.96 9.59
N ALA D 176 -42.02 -19.47 8.59
CA ALA D 176 -41.40 -19.71 7.29
C ALA D 176 -41.02 -18.44 6.51
N SER D 177 -41.55 -17.30 6.92
CA SER D 177 -41.22 -16.06 6.22
C SER D 177 -39.92 -15.45 6.79
N PHE D 178 -39.36 -16.08 7.81
CA PHE D 178 -38.13 -15.62 8.44
C PHE D 178 -36.99 -16.07 7.50
N LEU D 179 -36.25 -15.12 6.94
CA LEU D 179 -35.18 -15.45 6.00
C LEU D 179 -34.08 -16.32 6.57
N ALA D 180 -33.59 -17.24 5.75
CA ALA D 180 -32.50 -18.12 6.12
C ALA D 180 -31.39 -17.93 5.08
N VAL D 181 -30.37 -17.17 5.45
CA VAL D 181 -29.24 -16.91 4.57
C VAL D 181 -28.11 -17.85 5.02
N THR D 182 -27.69 -18.75 4.13
CA THR D 182 -26.64 -19.70 4.47
C THR D 182 -25.34 -19.49 3.69
N VAL D 199 -22.00 -27.14 1.10
CA VAL D 199 -23.29 -27.67 0.66
C VAL D 199 -23.60 -27.19 -0.76
N THR D 200 -24.24 -28.05 -1.55
CA THR D 200 -24.60 -27.72 -2.93
C THR D 200 -25.86 -26.85 -3.00
N PRO D 201 -25.99 -26.02 -4.04
CA PRO D 201 -27.18 -25.19 -4.14
C PRO D 201 -28.44 -26.03 -3.95
N ARG D 202 -28.48 -27.17 -4.62
CA ARG D 202 -29.61 -28.09 -4.54
C ARG D 202 -29.88 -28.51 -3.09
N LYS D 203 -28.84 -29.00 -2.43
CA LYS D 203 -28.93 -29.45 -1.04
C LYS D 203 -29.37 -28.28 -0.17
N ALA D 204 -28.69 -27.15 -0.34
CA ALA D 204 -28.98 -25.95 0.44
C ALA D 204 -30.45 -25.59 0.36
N ARG D 205 -31.02 -25.65 -0.83
CA ARG D 205 -32.43 -25.31 -0.98
C ARG D 205 -33.31 -26.40 -0.37
N ALA D 206 -32.84 -27.63 -0.41
CA ALA D 206 -33.59 -28.74 0.17
C ALA D 206 -33.62 -28.65 1.69
N LEU D 207 -32.66 -27.93 2.28
CA LEU D 207 -32.62 -27.77 3.73
C LEU D 207 -33.45 -26.60 4.26
N GLY D 208 -34.06 -25.84 3.36
CA GLY D 208 -34.90 -24.73 3.80
C GLY D 208 -34.36 -23.32 3.69
N SER D 209 -33.14 -23.16 3.21
CA SER D 209 -32.58 -21.82 3.09
C SER D 209 -33.23 -20.97 2.00
N ASP D 210 -33.19 -19.66 2.19
CA ASP D 210 -33.77 -18.72 1.24
C ASP D 210 -32.69 -18.17 0.32
N TYR D 211 -31.49 -17.97 0.87
CA TYR D 211 -30.38 -17.43 0.10
C TYR D 211 -29.10 -18.23 0.35
N ILE D 212 -28.31 -18.43 -0.69
CA ILE D 212 -27.05 -19.13 -0.55
C ILE D 212 -25.91 -18.15 -0.81
N VAL D 213 -24.90 -18.15 0.05
CA VAL D 213 -23.77 -17.26 -0.17
C VAL D 213 -22.73 -18.03 -0.97
N ILE D 214 -22.46 -17.54 -2.17
CA ILE D 214 -21.49 -18.17 -3.07
C ILE D 214 -20.12 -17.54 -2.94
N GLY D 215 -19.07 -18.37 -2.85
CA GLY D 215 -17.71 -17.87 -2.71
C GLY D 215 -16.80 -18.16 -3.90
N ARG D 216 -15.72 -18.91 -3.63
CA ARG D 216 -14.74 -19.28 -4.67
C ARG D 216 -15.39 -19.95 -5.86
N SER D 217 -16.39 -20.78 -5.56
CA SER D 217 -17.13 -21.51 -6.57
C SER D 217 -17.46 -20.64 -7.79
N LEU D 218 -17.91 -19.42 -7.54
CA LEU D 218 -18.26 -18.53 -8.63
C LEU D 218 -17.18 -17.49 -8.86
N THR D 219 -16.77 -16.82 -7.79
CA THR D 219 -15.76 -15.78 -7.89
C THR D 219 -14.44 -16.23 -8.51
N ARG D 220 -14.15 -17.52 -8.47
CA ARG D 220 -12.91 -18.01 -9.06
C ARG D 220 -13.13 -18.92 -10.26
N ALA D 221 -14.29 -18.83 -10.89
CA ALA D 221 -14.60 -19.66 -12.05
C ALA D 221 -14.07 -19.00 -13.32
N ALA D 222 -13.53 -19.81 -14.22
CA ALA D 222 -13.00 -19.33 -15.48
C ALA D 222 -14.12 -18.76 -16.34
N ASP D 223 -15.30 -19.36 -16.24
CA ASP D 223 -16.49 -18.94 -16.96
C ASP D 223 -17.55 -18.52 -15.95
N PRO D 224 -17.44 -17.30 -15.42
CA PRO D 224 -18.42 -16.83 -14.44
C PRO D 224 -19.89 -16.80 -14.89
N LEU D 225 -20.16 -16.26 -16.08
CA LEU D 225 -21.53 -16.18 -16.54
C LEU D 225 -22.16 -17.54 -16.74
N ARG D 226 -21.37 -18.51 -17.21
CA ARG D 226 -21.89 -19.85 -17.43
C ARG D 226 -22.05 -20.57 -16.09
N THR D 227 -21.13 -20.32 -15.17
CA THR D 227 -21.17 -20.94 -13.85
C THR D 227 -22.38 -20.43 -13.10
N TYR D 228 -22.62 -19.13 -13.19
CA TYR D 228 -23.75 -18.55 -12.50
C TYR D 228 -25.06 -19.10 -13.05
N ALA D 229 -25.17 -19.17 -14.38
CA ALA D 229 -26.38 -19.71 -15.01
C ALA D 229 -26.60 -21.15 -14.54
N ARG D 230 -25.50 -21.88 -14.37
CA ARG D 230 -25.53 -23.26 -13.91
C ARG D 230 -26.11 -23.36 -12.50
N LEU D 231 -25.61 -22.50 -11.61
CA LEU D 231 -26.05 -22.47 -10.22
C LEU D 231 -27.56 -22.24 -10.12
N GLN D 232 -28.07 -21.35 -10.97
CA GLN D 232 -29.48 -21.04 -10.98
C GLN D 232 -30.27 -22.26 -11.45
N HIS D 233 -29.68 -23.06 -12.32
CA HIS D 233 -30.33 -24.26 -12.83
C HIS D 233 -30.35 -25.38 -11.79
N GLU D 234 -29.28 -25.50 -11.01
CA GLU D 234 -29.23 -26.54 -9.98
C GLU D 234 -30.24 -26.23 -8.89
N TRP D 235 -30.44 -24.94 -8.64
CA TRP D 235 -31.37 -24.48 -7.63
C TRP D 235 -32.81 -24.66 -8.09
N ASN D 236 -33.04 -24.51 -9.40
CA ASN D 236 -34.37 -24.67 -9.98
C ASN D 236 -34.75 -26.14 -10.10
#